data_7DMB
#
_entry.id   7DMB
#
_cell.length_a   41.810
_cell.length_b   60.594
_cell.length_c   71.146
_cell.angle_alpha   87.786
_cell.angle_beta   88.340
_cell.angle_gamma   89.742
#
_symmetry.space_group_name_H-M   'P 1'
#
loop_
_entity.id
_entity.type
_entity.pdbx_description
1 polymer 'Putative methyltransferase'
2 non-polymer S-ADENOSYL-L-HOMOCYSTEINE
3 water water
#
_entity_poly.entity_id   1
_entity_poly.type   'polypeptide(L)'
_entity_poly.pdbx_seq_one_letter_code
;MGSSHHHHHHSSGLVPRGSHMASIDLSNWQTVDLQWTPDSTPTPVSQLLHPTRESQSEQEMIARMWVLCAIQMQEKLKSA
TCTKPHFEKYRNWLASEYERFKQPGYPQVPDSGDLVALSDGERLKAMNEMRERVKDTYLWPVIEGPWRVYDNVVDIVEGR
VKLVKVLLKDGLLEKFYDWANSLSEVRPLINLMGRTNPGLRILEIGAGTGGTTARVFEGLNPDAGKQLYSSYVFTDISPL
FFDSAKRRFEAYDNVEYRALDISKDPVEQGFEAGAYDVVIASNVLHATPCLVETLKNVRTLLQPKGFLFNQELSPPGKYV
DFMVGLLPGWWLGEADGRAGGPCIPPAEWDRRLKQAGFEGLHAVGLDSEPPFYYNANMLARVAASD
;
_entity_poly.pdbx_strand_id   A,B
#
# COMPACT_ATOMS: atom_id res chain seq x y z
N LEU A 26 -36.20 2.18 -15.53
CA LEU A 26 -35.29 1.04 -15.45
C LEU A 26 -35.99 -0.34 -15.46
N SER A 27 -37.27 -0.38 -15.86
CA SER A 27 -38.07 -1.59 -15.63
C SER A 27 -37.73 -2.73 -16.58
N ASN A 28 -37.03 -2.48 -17.68
CA ASN A 28 -36.66 -3.62 -18.53
C ASN A 28 -35.35 -4.28 -18.10
N TRP A 29 -34.68 -3.76 -17.07
CA TRP A 29 -33.34 -4.24 -16.70
C TRP A 29 -33.32 -4.72 -15.26
N GLN A 30 -34.37 -5.41 -14.85
CA GLN A 30 -34.54 -5.78 -13.46
C GLN A 30 -34.16 -7.22 -13.15
N THR A 31 -33.64 -7.99 -14.12
CA THR A 31 -33.26 -9.37 -13.87
C THR A 31 -31.93 -9.71 -14.56
N VAL A 32 -31.23 -10.69 -13.99
CA VAL A 32 -29.96 -11.19 -14.52
C VAL A 32 -30.17 -12.64 -14.94
N ASP A 33 -29.85 -12.96 -16.20
CA ASP A 33 -29.91 -14.33 -16.72
C ASP A 33 -28.60 -14.64 -17.45
N LEU A 34 -27.64 -15.23 -16.73
CA LEU A 34 -26.30 -15.40 -17.27
C LEU A 34 -26.26 -16.34 -18.47
N GLN A 35 -27.12 -17.37 -18.49
CA GLN A 35 -27.21 -18.30 -19.62
C GLN A 35 -25.87 -18.95 -19.96
N TRP A 36 -25.10 -19.32 -18.94
CA TRP A 36 -23.83 -20.01 -19.13
C TRP A 36 -23.93 -21.52 -18.95
N THR A 37 -25.01 -21.99 -18.34
CA THR A 37 -25.29 -23.41 -18.13
C THR A 37 -26.78 -23.59 -18.42
N PRO A 38 -27.23 -24.83 -18.66
CA PRO A 38 -28.68 -25.05 -18.75
C PRO A 38 -29.40 -24.70 -17.47
N ASP A 39 -28.68 -24.59 -16.34
CA ASP A 39 -29.23 -24.25 -15.03
C ASP A 39 -29.95 -22.90 -14.99
N SER A 40 -29.84 -22.07 -16.03
CA SER A 40 -30.02 -20.63 -15.86
C SER A 40 -31.48 -20.26 -15.66
N THR A 41 -31.75 -19.59 -14.54
CA THR A 41 -33.01 -18.94 -14.25
C THR A 41 -32.77 -17.46 -13.98
N PRO A 42 -33.56 -16.56 -14.56
CA PRO A 42 -33.36 -15.14 -14.26
C PRO A 42 -33.51 -14.85 -12.78
N THR A 43 -32.60 -14.01 -12.28
CA THR A 43 -32.60 -13.61 -10.89
C THR A 43 -32.88 -12.11 -10.83
N PRO A 44 -33.74 -11.65 -9.91
CA PRO A 44 -33.98 -10.20 -9.79
C PRO A 44 -32.68 -9.46 -9.49
N VAL A 45 -32.46 -8.37 -10.22
CA VAL A 45 -31.22 -7.62 -10.04
C VAL A 45 -31.08 -7.12 -8.61
N SER A 46 -32.20 -6.88 -7.93
CA SER A 46 -32.17 -6.37 -6.57
C SER A 46 -31.46 -7.31 -5.60
N GLN A 47 -31.36 -8.59 -5.93
CA GLN A 47 -30.59 -9.51 -5.11
C GLN A 47 -29.11 -9.52 -5.45
N LEU A 48 -28.71 -8.88 -6.54
CA LEU A 48 -27.36 -9.00 -7.06
C LEU A 48 -26.58 -7.70 -7.11
N LEU A 49 -27.22 -6.59 -7.45
CA LEU A 49 -26.63 -5.26 -7.46
C LEU A 49 -27.60 -4.33 -6.74
N HIS A 50 -27.23 -3.86 -5.55
CA HIS A 50 -28.14 -3.00 -4.79
C HIS A 50 -27.31 -2.06 -3.92
N PRO A 51 -27.94 -1.03 -3.36
CA PRO A 51 -27.21 -0.16 -2.40
C PRO A 51 -26.85 -0.94 -1.15
N THR A 52 -25.72 -0.56 -0.56
CA THR A 52 -25.34 -1.16 0.72
C THR A 52 -26.04 -0.51 1.91
N ARG A 53 -26.52 0.73 1.76
CA ARG A 53 -27.11 1.45 2.89
C ARG A 53 -27.83 2.69 2.36
N GLU A 54 -28.64 3.29 3.24
CA GLU A 54 -29.18 4.62 2.99
C GLU A 54 -28.04 5.63 3.11
N SER A 55 -27.94 6.55 2.16
CA SER A 55 -26.75 7.38 2.09
C SER A 55 -27.05 8.87 1.99
N GLN A 56 -28.30 9.29 2.20
CA GLN A 56 -28.65 10.70 2.03
C GLN A 56 -27.92 11.60 3.02
N SER A 57 -27.64 11.12 4.23
CA SER A 57 -26.93 11.95 5.20
C SER A 57 -25.51 12.24 4.73
N GLU A 58 -24.74 11.21 4.38
CA GLU A 58 -23.36 11.44 3.98
C GLU A 58 -23.29 12.22 2.67
N GLN A 59 -24.25 12.00 1.75
CA GLN A 59 -24.32 12.74 0.49
C GLN A 59 -24.58 14.22 0.72
N GLU A 60 -25.42 14.55 1.69
CA GLU A 60 -25.66 15.95 2.04
C GLU A 60 -24.52 16.55 2.83
N MET A 61 -23.81 15.73 3.62
CA MET A 61 -22.57 16.20 4.23
C MET A 61 -21.54 16.55 3.17
N ILE A 62 -21.42 15.69 2.14
CA ILE A 62 -20.50 15.92 1.04
C ILE A 62 -20.88 17.19 0.28
N ALA A 63 -22.16 17.28 -0.11
CA ALA A 63 -22.59 18.42 -0.88
C ALA A 63 -22.32 19.71 -0.12
N ARG A 64 -22.68 19.72 1.17
CA ARG A 64 -22.43 20.85 2.04
C ARG A 64 -20.97 21.27 2.01
N MET A 65 -20.07 20.28 2.02
CA MET A 65 -18.64 20.58 2.09
C MET A 65 -18.12 21.16 0.79
N TRP A 66 -18.42 20.50 -0.34
CA TRP A 66 -17.88 21.03 -1.59
C TRP A 66 -18.53 22.35 -1.95
N VAL A 67 -19.76 22.59 -1.51
CA VAL A 67 -20.37 23.90 -1.73
C VAL A 67 -19.62 24.97 -0.92
N LEU A 68 -19.27 24.65 0.32
CA LEU A 68 -18.49 25.59 1.14
C LEU A 68 -17.14 25.90 0.50
N CYS A 69 -16.38 24.86 0.13
CA CYS A 69 -15.12 25.11 -0.58
C CYS A 69 -15.33 25.92 -1.86
N ALA A 70 -16.38 25.59 -2.64
CA ALA A 70 -16.59 26.29 -3.90
C ALA A 70 -16.85 27.78 -3.68
N ILE A 71 -17.65 28.10 -2.67
CA ILE A 71 -17.86 29.50 -2.27
C ILE A 71 -16.53 30.15 -1.90
N GLN A 72 -15.73 29.44 -1.09
CA GLN A 72 -14.45 29.94 -0.62
C GLN A 72 -13.45 30.11 -1.74
N MET A 73 -13.68 29.46 -2.89
CA MET A 73 -12.75 29.53 -4.01
C MET A 73 -12.97 30.73 -4.91
N GLN A 74 -14.11 31.40 -4.82
CA GLN A 74 -14.51 32.38 -5.83
C GLN A 74 -13.48 33.50 -5.94
N GLU A 75 -13.17 34.16 -4.82
CA GLU A 75 -12.25 35.29 -4.90
C GLU A 75 -10.85 34.82 -5.25
N LYS A 76 -10.46 33.63 -4.78
CA LYS A 76 -9.16 33.08 -5.12
C LYS A 76 -9.06 32.80 -6.61
N LEU A 77 -10.10 32.20 -7.19
CA LEU A 77 -10.05 31.86 -8.61
C LEU A 77 -9.97 33.10 -9.48
N LYS A 78 -10.71 34.16 -9.11
CA LYS A 78 -10.80 35.33 -9.99
C LYS A 78 -9.49 36.11 -10.05
N SER A 79 -8.77 36.21 -8.94
CA SER A 79 -7.47 36.87 -8.99
C SER A 79 -6.35 35.98 -9.52
N ALA A 80 -6.61 34.70 -9.77
CA ALA A 80 -5.58 33.78 -10.24
C ALA A 80 -5.44 33.82 -11.75
N THR A 81 -4.25 33.45 -12.21
CA THR A 81 -3.96 33.33 -13.63
C THR A 81 -4.27 31.89 -14.06
N CYS A 82 -5.42 31.71 -14.71
CA CYS A 82 -5.76 30.42 -15.33
C CYS A 82 -4.87 30.19 -16.54
N THR A 83 -3.93 29.25 -16.42
CA THR A 83 -2.86 29.10 -17.40
C THR A 83 -3.21 28.19 -18.56
N LYS A 84 -4.30 27.44 -18.46
CA LYS A 84 -4.76 26.58 -19.53
C LYS A 84 -6.21 26.92 -19.83
N PRO A 85 -6.68 26.64 -21.06
CA PRO A 85 -8.09 26.93 -21.37
C PRO A 85 -9.07 26.21 -20.45
N HIS A 86 -8.79 24.96 -20.06
CA HIS A 86 -9.76 24.23 -19.24
C HIS A 86 -9.82 24.76 -17.80
N PHE A 87 -8.76 25.39 -17.31
CA PHE A 87 -8.86 26.02 -15.99
C PHE A 87 -9.84 27.17 -16.04
N GLU A 88 -9.85 27.90 -17.17
CA GLU A 88 -10.83 28.96 -17.40
C GLU A 88 -12.24 28.40 -17.44
N LYS A 89 -12.41 27.25 -18.09
CA LYS A 89 -13.72 26.61 -18.13
C LYS A 89 -14.20 26.27 -16.72
N TYR A 90 -13.29 25.76 -15.88
CA TYR A 90 -13.66 25.41 -14.51
C TYR A 90 -14.02 26.64 -13.70
N ARG A 91 -13.19 27.69 -13.77
CA ARG A 91 -13.52 28.96 -13.12
C ARG A 91 -14.88 29.48 -13.58
N ASN A 92 -15.12 29.51 -14.90
CA ASN A 92 -16.40 29.96 -15.42
C ASN A 92 -17.54 29.08 -14.92
N TRP A 93 -17.37 27.75 -15.02
CA TRP A 93 -18.37 26.83 -14.50
C TRP A 93 -18.61 27.05 -13.01
N LEU A 94 -17.53 27.17 -12.22
CA LEU A 94 -17.73 27.32 -10.78
C LEU A 94 -18.43 28.63 -10.43
N ALA A 95 -18.12 29.72 -11.14
CA ALA A 95 -18.85 30.98 -10.93
C ALA A 95 -20.33 30.81 -11.18
N SER A 96 -20.70 30.01 -12.18
CA SER A 96 -22.12 29.83 -12.49
C SER A 96 -22.81 28.97 -11.44
N GLU A 97 -22.11 27.97 -10.90
CA GLU A 97 -22.69 27.16 -9.83
C GLU A 97 -22.82 27.99 -8.55
N TYR A 98 -21.81 28.81 -8.23
CA TYR A 98 -21.91 29.72 -7.10
C TYR A 98 -23.15 30.63 -7.18
N GLU A 99 -23.54 31.04 -8.39
CA GLU A 99 -24.79 31.76 -8.54
C GLU A 99 -25.98 30.88 -8.14
N ARG A 100 -25.88 29.57 -8.36
CA ARG A 100 -26.98 28.67 -7.99
C ARG A 100 -27.14 28.52 -6.46
N PHE A 101 -26.05 28.65 -5.70
CA PHE A 101 -26.13 28.55 -4.25
C PHE A 101 -26.97 29.68 -3.65
N LYS A 102 -26.95 30.85 -4.26
CA LYS A 102 -27.66 32.02 -3.78
C LYS A 102 -29.15 32.02 -4.14
N GLN A 103 -29.62 30.99 -4.85
CA GLN A 103 -31.01 30.69 -5.16
C GLN A 103 -31.52 29.58 -4.25
N PRO A 104 -32.82 29.55 -3.95
CA PRO A 104 -33.36 28.51 -3.09
C PRO A 104 -33.31 27.13 -3.72
N GLY A 105 -33.46 26.11 -2.88
CA GLY A 105 -33.54 24.74 -3.35
C GLY A 105 -32.32 24.20 -4.09
N TYR A 106 -31.12 24.58 -3.66
CA TYR A 106 -29.94 23.95 -4.26
C TYR A 106 -29.94 22.46 -3.90
N PRO A 107 -29.70 21.56 -4.85
CA PRO A 107 -29.87 20.14 -4.58
C PRO A 107 -29.00 19.67 -3.43
N GLN A 108 -29.65 19.06 -2.43
CA GLN A 108 -29.01 18.48 -1.26
C GLN A 108 -28.36 19.53 -0.37
N VAL A 109 -28.47 20.82 -0.70
CA VAL A 109 -28.01 21.87 0.19
C VAL A 109 -29.04 22.99 0.27
N PRO A 110 -30.21 22.76 0.86
CA PRO A 110 -31.27 23.79 0.84
C PRO A 110 -30.90 25.05 1.59
N ASP A 111 -29.91 25.01 2.46
CA ASP A 111 -29.40 26.19 3.15
C ASP A 111 -28.13 26.73 2.50
N SER A 112 -27.93 26.47 1.20
CA SER A 112 -26.75 27.00 0.50
C SER A 112 -26.64 28.52 0.64
N GLY A 113 -27.78 29.22 0.63
CA GLY A 113 -27.76 30.67 0.86
C GLY A 113 -27.13 31.05 2.19
N ASP A 114 -27.46 30.34 3.27
CA ASP A 114 -26.81 30.60 4.55
C ASP A 114 -25.30 30.38 4.49
N LEU A 115 -24.83 29.46 3.64
CA LEU A 115 -23.38 29.25 3.55
C LEU A 115 -22.70 30.43 2.86
N VAL A 116 -23.36 31.00 1.85
CA VAL A 116 -22.85 32.21 1.20
C VAL A 116 -22.85 33.37 2.19
N ALA A 117 -23.83 33.38 3.11
CA ALA A 117 -23.97 34.47 4.07
C ALA A 117 -22.94 34.41 5.21
N LEU A 118 -22.28 33.28 5.42
CA LEU A 118 -21.21 33.25 6.41
C LEU A 118 -20.06 34.16 5.98
N SER A 119 -19.33 34.71 6.94
CA SER A 119 -18.07 35.39 6.65
C SER A 119 -17.04 34.38 6.12
N ASP A 120 -16.03 34.91 5.42
CA ASP A 120 -14.91 34.06 4.98
C ASP A 120 -14.34 33.27 6.16
N GLY A 121 -14.16 33.93 7.31
CA GLY A 121 -13.58 33.26 8.46
C GLY A 121 -14.51 32.22 9.06
N GLU A 122 -15.80 32.52 9.13
CA GLU A 122 -16.76 31.55 9.62
C GLU A 122 -16.89 30.36 8.68
N ARG A 123 -16.76 30.59 7.36
CA ARG A 123 -16.81 29.47 6.41
C ARG A 123 -15.60 28.55 6.59
N LEU A 124 -14.42 29.14 6.75
CA LEU A 124 -13.25 28.33 7.07
C LEU A 124 -13.48 27.51 8.34
N LYS A 125 -14.14 28.11 9.33
CA LYS A 125 -14.42 27.39 10.58
C LYS A 125 -15.35 26.20 10.34
N ALA A 126 -16.39 26.40 9.53
CA ALA A 126 -17.28 25.31 9.18
C ALA A 126 -16.57 24.22 8.39
N MET A 127 -15.74 24.61 7.41
CA MET A 127 -15.00 23.60 6.65
C MET A 127 -14.11 22.76 7.57
N ASN A 128 -13.45 23.40 8.53
CA ASN A 128 -12.54 22.64 9.38
C ASN A 128 -13.28 21.78 10.39
N GLU A 129 -14.46 22.21 10.82
CA GLU A 129 -15.33 21.37 11.63
C GLU A 129 -15.78 20.12 10.87
N MET A 130 -15.99 20.23 9.56
CA MET A 130 -16.44 19.06 8.81
C MET A 130 -15.30 18.07 8.61
N ARG A 131 -14.09 18.57 8.35
CA ARG A 131 -12.91 17.70 8.30
C ARG A 131 -12.71 16.99 9.63
N GLU A 132 -12.75 17.74 10.74
CA GLU A 132 -12.52 17.15 12.04
C GLU A 132 -13.57 16.09 12.35
N ARG A 133 -14.83 16.34 11.98
CA ARG A 133 -15.89 15.37 12.20
C ARG A 133 -15.61 14.01 11.55
N VAL A 134 -15.03 13.99 10.34
CA VAL A 134 -14.92 12.78 9.55
C VAL A 134 -13.53 12.15 9.61
N LYS A 135 -12.59 12.78 10.30
CA LYS A 135 -11.28 12.20 10.50
C LYS A 135 -11.41 10.80 11.11
N ASP A 136 -10.64 9.85 10.57
CA ASP A 136 -10.61 8.46 11.03
C ASP A 136 -11.92 7.71 10.72
N THR A 137 -12.69 8.19 9.74
CA THR A 137 -13.85 7.47 9.25
C THR A 137 -13.69 7.27 7.75
N TYR A 138 -14.52 6.37 7.20
CA TYR A 138 -14.55 6.14 5.76
C TYR A 138 -14.89 7.41 4.95
N LEU A 139 -15.49 8.42 5.58
CA LEU A 139 -15.86 9.66 4.91
C LEU A 139 -14.72 10.66 4.82
N TRP A 140 -13.59 10.40 5.47
CA TRP A 140 -12.44 11.28 5.40
C TRP A 140 -12.09 11.74 3.99
N PRO A 141 -11.95 10.85 2.99
CA PRO A 141 -11.51 11.32 1.66
C PRO A 141 -12.52 12.19 0.95
N VAL A 142 -13.82 11.95 1.12
CA VAL A 142 -14.79 12.75 0.39
C VAL A 142 -14.97 14.13 1.00
N ILE A 143 -14.49 14.37 2.23
CA ILE A 143 -14.52 15.70 2.82
C ILE A 143 -13.19 16.41 2.66
N GLU A 144 -12.09 15.66 2.83
CA GLU A 144 -10.75 16.20 2.69
C GLU A 144 -10.42 16.54 1.26
N GLY A 145 -10.96 15.77 0.32
CA GLY A 145 -10.72 15.98 -1.09
C GLY A 145 -11.09 17.38 -1.54
N PRO A 146 -12.36 17.74 -1.37
CA PRO A 146 -12.76 19.11 -1.76
C PRO A 146 -11.98 20.20 -1.02
N TRP A 147 -11.68 19.99 0.26
CA TRP A 147 -10.86 20.94 1.00
C TRP A 147 -9.53 21.17 0.29
N ARG A 148 -8.87 20.08 -0.12
CA ARG A 148 -7.60 20.19 -0.84
C ARG A 148 -7.74 20.90 -2.18
N VAL A 149 -8.86 20.69 -2.88
CA VAL A 149 -9.07 21.39 -4.14
C VAL A 149 -9.14 22.89 -3.89
N TYR A 150 -9.94 23.29 -2.92
CA TYR A 150 -9.98 24.69 -2.49
C TYR A 150 -8.59 25.17 -2.11
N ASP A 151 -7.89 24.38 -1.30
CA ASP A 151 -6.66 24.80 -0.65
C ASP A 151 -5.49 24.90 -1.63
N ASN A 152 -5.60 24.32 -2.82
CA ASN A 152 -4.51 24.32 -3.79
C ASN A 152 -4.89 24.94 -5.12
N VAL A 153 -6.09 25.49 -5.25
CA VAL A 153 -6.63 25.78 -6.58
C VAL A 153 -5.72 26.73 -7.35
N VAL A 154 -5.20 27.76 -6.68
CA VAL A 154 -4.33 28.72 -7.37
C VAL A 154 -3.05 28.06 -7.85
N ASP A 155 -2.36 27.33 -6.97
CA ASP A 155 -1.20 26.56 -7.40
C ASP A 155 -1.54 25.61 -8.55
N ILE A 156 -2.78 25.13 -8.60
CA ILE A 156 -3.15 24.20 -9.66
C ILE A 156 -3.40 24.96 -10.97
N VAL A 157 -4.26 25.98 -10.95
CA VAL A 157 -4.54 26.68 -12.21
C VAL A 157 -3.36 27.49 -12.69
N GLU A 158 -2.40 27.80 -11.82
CA GLU A 158 -1.20 28.49 -12.28
C GLU A 158 -0.07 27.54 -12.64
N GLY A 159 -0.31 26.23 -12.63
CA GLY A 159 0.67 25.27 -13.15
C GLY A 159 1.84 24.98 -12.24
N ARG A 160 1.70 25.20 -10.94
CA ARG A 160 2.76 24.88 -9.99
C ARG A 160 2.59 23.52 -9.33
N VAL A 161 1.37 22.96 -9.30
CA VAL A 161 1.16 21.63 -8.75
C VAL A 161 0.02 20.97 -9.53
N LYS A 162 0.12 19.65 -9.67
CA LYS A 162 -0.91 18.88 -10.35
C LYS A 162 -2.03 18.54 -9.36
N LEU A 163 -3.27 18.49 -9.87
CA LEU A 163 -4.40 18.01 -9.08
C LEU A 163 -4.17 16.58 -8.59
N VAL A 164 -3.80 15.67 -9.48
CA VAL A 164 -3.67 14.25 -9.11
C VAL A 164 -2.67 14.10 -7.97
N LYS A 165 -1.55 14.81 -8.04
CA LYS A 165 -0.58 14.79 -6.94
C LYS A 165 -1.21 15.26 -5.65
N VAL A 166 -1.97 16.37 -5.72
CA VAL A 166 -2.69 16.88 -4.56
C VAL A 166 -3.59 15.78 -3.99
N LEU A 167 -4.29 15.05 -4.86
CA LEU A 167 -5.22 14.04 -4.35
C LEU A 167 -4.52 12.74 -3.95
N LEU A 168 -3.28 12.53 -4.40
CA LEU A 168 -2.56 11.29 -4.06
C LEU A 168 -2.13 11.28 -2.60
N LYS A 169 -1.88 12.45 -2.02
CA LYS A 169 -1.29 12.51 -0.69
C LYS A 169 -2.12 11.73 0.32
N ASP A 170 -1.40 10.98 1.18
CA ASP A 170 -1.98 10.20 2.27
C ASP A 170 -3.04 9.22 1.78
N GLY A 171 -2.90 8.74 0.53
CA GLY A 171 -3.79 7.71 0.02
C GLY A 171 -5.22 8.15 -0.23
N LEU A 172 -5.45 9.46 -0.34
CA LEU A 172 -6.82 9.97 -0.45
C LEU A 172 -7.54 9.41 -1.67
N LEU A 173 -6.87 9.36 -2.83
CA LEU A 173 -7.52 8.86 -4.04
C LEU A 173 -8.06 7.45 -3.85
N GLU A 174 -7.25 6.55 -3.31
CA GLU A 174 -7.69 5.18 -3.08
C GLU A 174 -8.85 5.14 -2.10
N LYS A 175 -8.79 5.93 -1.03
CA LYS A 175 -9.85 5.93 -0.04
C LYS A 175 -11.12 6.55 -0.61
N PHE A 176 -10.96 7.54 -1.50
CA PHE A 176 -12.10 8.13 -2.19
C PHE A 176 -12.83 7.09 -3.04
N TYR A 177 -12.10 6.36 -3.87
CA TYR A 177 -12.76 5.30 -4.64
C TYR A 177 -13.29 4.19 -3.74
N ASP A 178 -12.62 3.93 -2.59
CA ASP A 178 -13.22 3.04 -1.59
C ASP A 178 -14.59 3.54 -1.13
N TRP A 179 -14.71 4.86 -0.90
CA TRP A 179 -16.01 5.41 -0.48
C TRP A 179 -17.08 5.15 -1.53
N ALA A 180 -16.79 5.50 -2.79
CA ALA A 180 -17.76 5.32 -3.87
C ALA A 180 -18.17 3.85 -3.99
N ASN A 181 -17.19 2.95 -3.98
CA ASN A 181 -17.50 1.52 -4.04
C ASN A 181 -18.31 1.08 -2.83
N SER A 182 -18.17 1.78 -1.70
CA SER A 182 -18.86 1.37 -0.50
C SER A 182 -20.38 1.54 -0.60
N LEU A 183 -20.86 2.27 -1.60
CA LEU A 183 -22.30 2.47 -1.75
C LEU A 183 -22.99 1.32 -2.47
N SER A 184 -22.25 0.51 -3.22
CA SER A 184 -22.83 -0.52 -4.08
C SER A 184 -22.49 -1.90 -3.54
N GLU A 185 -23.48 -2.76 -3.46
CA GLU A 185 -23.27 -4.18 -3.15
C GLU A 185 -23.26 -4.94 -4.47
N VAL A 186 -22.07 -5.36 -4.90
CA VAL A 186 -21.91 -6.09 -6.16
C VAL A 186 -21.42 -7.51 -5.98
N ARG A 187 -21.13 -7.93 -4.76
CA ARG A 187 -20.56 -9.27 -4.50
C ARG A 187 -21.53 -10.41 -4.80
N PRO A 188 -22.84 -10.28 -4.56
CA PRO A 188 -23.75 -11.35 -4.99
C PRO A 188 -23.74 -11.59 -6.50
N LEU A 189 -23.64 -10.52 -7.32
CA LEU A 189 -23.51 -10.74 -8.76
C LEU A 189 -22.23 -11.48 -9.10
N ILE A 190 -21.10 -11.01 -8.55
CA ILE A 190 -19.84 -11.66 -8.83
C ILE A 190 -19.87 -13.10 -8.35
N ASN A 191 -20.40 -13.32 -7.14
CA ASN A 191 -20.48 -14.69 -6.62
C ASN A 191 -21.30 -15.58 -7.55
N LEU A 192 -22.42 -15.07 -8.08
CA LEU A 192 -23.25 -15.88 -8.98
C LEU A 192 -22.48 -16.29 -10.23
N MET A 193 -21.80 -15.34 -10.87
CA MET A 193 -20.93 -15.65 -12.00
C MET A 193 -19.89 -16.72 -11.64
N GLY A 194 -19.26 -16.57 -10.47
CA GLY A 194 -18.20 -17.50 -10.10
C GLY A 194 -18.72 -18.88 -9.74
N ARG A 195 -19.81 -18.95 -8.98
CA ARG A 195 -20.41 -20.26 -8.75
C ARG A 195 -20.91 -20.89 -10.05
N THR A 196 -21.31 -20.07 -11.03
CA THR A 196 -21.80 -20.60 -12.31
C THR A 196 -20.66 -21.02 -13.21
N ASN A 197 -19.58 -20.23 -13.27
CA ASN A 197 -18.36 -20.57 -13.99
C ASN A 197 -17.21 -20.47 -12.99
N PRO A 198 -16.85 -21.57 -12.31
CA PRO A 198 -15.78 -21.51 -11.30
C PRO A 198 -14.40 -21.32 -11.90
N GLY A 199 -14.27 -21.34 -13.23
CA GLY A 199 -13.03 -21.04 -13.90
C GLY A 199 -13.04 -19.69 -14.59
N LEU A 200 -13.82 -18.77 -14.04
CA LEU A 200 -14.08 -17.48 -14.68
C LEU A 200 -12.78 -16.82 -15.13
N ARG A 201 -12.76 -16.37 -16.38
CA ARG A 201 -11.68 -15.52 -16.90
C ARG A 201 -12.16 -14.08 -16.84
N ILE A 202 -11.53 -13.27 -15.97
CA ILE A 202 -11.96 -11.90 -15.69
C ILE A 202 -10.85 -10.95 -16.10
N LEU A 203 -11.23 -9.83 -16.72
CA LEU A 203 -10.31 -8.73 -16.99
C LEU A 203 -10.96 -7.46 -16.46
N GLU A 204 -10.21 -6.67 -15.70
CA GLU A 204 -10.73 -5.37 -15.26
C GLU A 204 -9.99 -4.24 -15.99
N ILE A 205 -10.77 -3.37 -16.68
CA ILE A 205 -10.26 -2.17 -17.32
C ILE A 205 -10.03 -1.10 -16.26
N GLY A 206 -8.96 -0.33 -16.42
CA GLY A 206 -8.67 0.83 -15.59
C GLY A 206 -8.88 0.62 -14.10
N ALA A 207 -8.39 -0.50 -13.59
CA ALA A 207 -8.64 -0.88 -12.20
C ALA A 207 -8.03 0.11 -11.21
N GLY A 208 -6.98 0.81 -11.62
CA GLY A 208 -6.45 1.93 -10.87
C GLY A 208 -5.96 1.54 -9.50
N THR A 209 -6.52 2.23 -8.48
CA THR A 209 -6.23 1.97 -7.08
C THR A 209 -6.79 0.64 -6.60
N GLY A 210 -7.73 0.05 -7.33
CA GLY A 210 -8.29 -1.24 -6.97
C GLY A 210 -9.55 -1.18 -6.15
N GLY A 211 -10.25 -0.05 -6.11
CA GLY A 211 -11.43 0.05 -5.26
C GLY A 211 -12.49 -0.97 -5.63
N THR A 212 -12.73 -1.15 -6.92
CA THR A 212 -13.68 -2.16 -7.35
C THR A 212 -13.06 -3.56 -7.39
N THR A 213 -11.78 -3.66 -7.74
CA THR A 213 -11.09 -4.95 -7.68
C THR A 213 -11.28 -5.62 -6.32
N ALA A 214 -11.19 -4.83 -5.24
CA ALA A 214 -11.29 -5.37 -3.89
C ALA A 214 -12.65 -5.98 -3.61
N ARG A 215 -13.74 -5.29 -4.00
CA ARG A 215 -15.06 -5.89 -3.82
C ARG A 215 -15.22 -7.16 -4.67
N VAL A 216 -14.70 -7.15 -5.90
CA VAL A 216 -14.93 -8.25 -6.82
C VAL A 216 -14.23 -9.52 -6.32
N PHE A 217 -13.03 -9.39 -5.74
CA PHE A 217 -12.32 -10.55 -5.24
C PHE A 217 -13.09 -11.21 -4.10
N GLU A 218 -13.76 -10.41 -3.25
CA GLU A 218 -14.54 -10.97 -2.16
C GLU A 218 -15.66 -11.86 -2.68
N GLY A 219 -16.31 -11.43 -3.77
CA GLY A 219 -17.30 -12.27 -4.40
C GLY A 219 -16.69 -13.51 -5.05
N LEU A 220 -15.43 -13.43 -5.45
CA LEU A 220 -14.76 -14.56 -6.08
C LEU A 220 -14.08 -15.48 -5.07
N ASN A 221 -13.96 -15.06 -3.81
CA ASN A 221 -13.32 -15.85 -2.76
C ASN A 221 -14.27 -15.95 -1.57
N PRO A 222 -15.33 -16.74 -1.69
CA PRO A 222 -16.32 -16.78 -0.60
C PRO A 222 -15.80 -17.46 0.66
N ASP A 223 -15.03 -18.54 0.52
CA ASP A 223 -14.49 -19.25 1.67
C ASP A 223 -13.00 -19.51 1.44
N ALA A 224 -12.27 -19.70 2.54
CA ALA A 224 -10.87 -20.06 2.43
C ALA A 224 -10.74 -21.35 1.62
N GLY A 225 -9.81 -21.35 0.68
CA GLY A 225 -9.64 -22.52 -0.17
C GLY A 225 -10.60 -22.63 -1.34
N LYS A 226 -11.42 -21.61 -1.59
CA LYS A 226 -12.33 -21.62 -2.75
C LYS A 226 -12.12 -20.35 -3.55
N GLN A 227 -11.70 -20.50 -4.80
CA GLN A 227 -11.43 -19.39 -5.72
C GLN A 227 -12.26 -19.62 -6.98
N LEU A 228 -13.26 -18.76 -7.19
CA LEU A 228 -14.25 -19.00 -8.24
C LEU A 228 -13.85 -18.38 -9.57
N TYR A 229 -12.55 -18.37 -9.85
CA TYR A 229 -12.03 -17.82 -11.09
C TYR A 229 -10.76 -18.58 -11.42
N SER A 230 -10.42 -18.64 -12.70
CA SER A 230 -9.15 -19.20 -13.13
C SER A 230 -8.07 -18.14 -13.25
N SER A 231 -8.46 -16.90 -13.54
CA SER A 231 -7.51 -15.89 -13.95
C SER A 231 -8.17 -14.53 -13.76
N TYR A 232 -7.51 -13.62 -13.04
CA TYR A 232 -7.93 -12.22 -12.95
C TYR A 232 -6.86 -11.36 -13.61
N VAL A 233 -7.20 -10.72 -14.72
CA VAL A 233 -6.28 -9.79 -15.39
C VAL A 233 -6.63 -8.38 -14.91
N PHE A 234 -5.78 -7.84 -14.05
CA PHE A 234 -5.86 -6.48 -13.56
C PHE A 234 -5.17 -5.56 -14.57
N THR A 235 -5.93 -4.66 -15.18
CA THR A 235 -5.33 -3.74 -16.16
C THR A 235 -5.67 -2.29 -15.84
N ASP A 236 -4.81 -1.43 -16.34
CA ASP A 236 -5.00 0.02 -16.33
C ASP A 236 -4.26 0.54 -17.55
N ILE A 237 -4.58 1.77 -17.93
CA ILE A 237 -3.76 2.39 -18.97
C ILE A 237 -2.39 2.76 -18.42
N SER A 238 -2.28 2.94 -17.11
CA SER A 238 -1.05 3.40 -16.47
C SER A 238 -0.45 2.27 -15.64
N PRO A 239 0.76 1.79 -15.98
CA PRO A 239 1.40 0.77 -15.14
C PRO A 239 1.87 1.29 -13.79
N LEU A 240 1.78 2.59 -13.53
CA LEU A 240 2.25 3.12 -12.26
C LEU A 240 1.41 2.60 -11.08
N PHE A 241 0.22 2.07 -11.35
CA PHE A 241 -0.66 1.53 -10.32
C PHE A 241 -0.23 0.14 -9.84
N PHE A 242 0.64 -0.56 -10.59
CA PHE A 242 0.72 -2.01 -10.44
C PHE A 242 1.41 -2.42 -9.13
N ASP A 243 2.42 -1.67 -8.68
CA ASP A 243 3.13 -2.05 -7.46
C ASP A 243 2.18 -2.06 -6.26
N SER A 244 1.44 -0.98 -6.07
CA SER A 244 0.57 -0.90 -4.90
C SER A 244 -0.57 -1.91 -4.98
N ALA A 245 -1.05 -2.20 -6.19
CA ALA A 245 -2.13 -3.16 -6.31
C ALA A 245 -1.62 -4.58 -6.10
N LYS A 246 -0.37 -4.85 -6.45
CA LYS A 246 0.21 -6.15 -6.12
C LYS A 246 0.33 -6.33 -4.61
N ARG A 247 0.58 -5.23 -3.87
CA ARG A 247 0.51 -5.29 -2.41
C ARG A 247 -0.92 -5.49 -1.93
N ARG A 248 -1.84 -4.63 -2.39
CA ARG A 248 -3.23 -4.70 -1.94
C ARG A 248 -3.84 -6.07 -2.17
N PHE A 249 -3.50 -6.73 -3.28
CA PHE A 249 -4.07 -8.02 -3.63
C PHE A 249 -3.06 -9.15 -3.59
N GLU A 250 -2.08 -9.03 -2.67
CA GLU A 250 -1.11 -10.09 -2.48
C GLU A 250 -1.78 -11.38 -2.01
N ALA A 251 -2.89 -11.29 -1.27
CA ALA A 251 -3.55 -12.48 -0.76
C ALA A 251 -4.17 -13.37 -1.83
N TYR A 252 -4.42 -12.84 -3.04
CA TYR A 252 -5.16 -13.56 -4.07
C TYR A 252 -4.24 -14.18 -5.11
N ASP A 253 -4.55 -15.41 -5.52
CA ASP A 253 -3.78 -16.15 -6.51
C ASP A 253 -4.28 -15.86 -7.92
N ASN A 254 -3.39 -16.11 -8.89
CA ASN A 254 -3.75 -16.09 -10.31
C ASN A 254 -4.20 -14.72 -10.78
N VAL A 255 -3.53 -13.67 -10.30
CA VAL A 255 -3.77 -12.31 -10.77
C VAL A 255 -2.60 -11.89 -11.65
N GLU A 256 -2.90 -11.30 -12.81
CA GLU A 256 -1.88 -10.68 -13.64
C GLU A 256 -2.10 -9.17 -13.69
N TYR A 257 -1.02 -8.45 -13.99
CA TYR A 257 -1.01 -6.99 -13.95
C TYR A 257 -0.38 -6.49 -15.25
N ARG A 258 -1.22 -6.01 -16.17
CA ARG A 258 -0.82 -5.74 -17.54
C ARG A 258 -1.44 -4.42 -17.98
N ALA A 259 -0.67 -3.60 -18.72
CA ALA A 259 -1.20 -2.33 -19.18
C ALA A 259 -2.19 -2.54 -20.32
N LEU A 260 -3.17 -1.64 -20.42
CA LEU A 260 -4.18 -1.71 -21.48
C LEU A 260 -4.88 -0.37 -21.63
N ASP A 261 -4.91 0.12 -22.86
CA ASP A 261 -5.64 1.31 -23.26
C ASP A 261 -6.90 0.84 -23.98
N ILE A 262 -8.06 0.93 -23.31
CA ILE A 262 -9.29 0.39 -23.90
C ILE A 262 -9.84 1.27 -25.01
N SER A 263 -9.32 2.49 -25.20
CA SER A 263 -9.72 3.28 -26.36
C SER A 263 -9.11 2.77 -27.66
N LYS A 264 -8.23 1.77 -27.62
CA LYS A 264 -7.54 1.26 -28.79
C LYS A 264 -7.65 -0.26 -28.83
N ASP A 265 -7.37 -0.84 -29.99
CA ASP A 265 -7.55 -2.27 -30.20
C ASP A 265 -6.75 -3.08 -29.17
N PRO A 266 -7.41 -3.92 -28.38
CA PRO A 266 -6.65 -4.73 -27.41
C PRO A 266 -5.81 -5.83 -28.04
N VAL A 267 -6.25 -6.41 -29.17
CA VAL A 267 -5.45 -7.47 -29.81
C VAL A 267 -4.06 -6.95 -30.18
N GLU A 268 -4.01 -5.75 -30.77
CA GLU A 268 -2.70 -5.19 -31.15
C GLU A 268 -1.85 -4.89 -29.91
N GLN A 269 -2.48 -4.62 -28.76
CA GLN A 269 -1.76 -4.39 -27.51
C GLN A 269 -1.32 -5.69 -26.83
N GLY A 270 -1.61 -6.86 -27.40
CA GLY A 270 -1.17 -8.12 -26.85
C GLY A 270 -2.20 -8.94 -26.10
N PHE A 271 -3.49 -8.64 -26.26
CA PHE A 271 -4.57 -9.35 -25.61
C PHE A 271 -5.29 -10.23 -26.62
N GLU A 272 -5.84 -11.35 -26.13
CA GLU A 272 -6.46 -12.34 -27.00
C GLU A 272 -7.94 -12.05 -27.16
N ALA A 273 -8.41 -11.99 -28.41
CA ALA A 273 -9.82 -11.72 -28.67
C ALA A 273 -10.69 -12.86 -28.16
N GLY A 274 -11.79 -12.50 -27.51
CA GLY A 274 -12.78 -13.47 -27.07
C GLY A 274 -12.35 -14.40 -25.96
N ALA A 275 -11.32 -14.03 -25.20
CA ALA A 275 -10.72 -14.91 -24.21
C ALA A 275 -11.19 -14.63 -22.79
N TYR A 276 -12.29 -13.89 -22.62
CA TYR A 276 -12.70 -13.48 -21.29
C TYR A 276 -14.20 -13.60 -21.15
N ASP A 277 -14.62 -14.06 -19.98
CA ASP A 277 -16.03 -14.25 -19.68
C ASP A 277 -16.67 -12.99 -19.13
N VAL A 278 -15.93 -12.23 -18.32
CA VAL A 278 -16.45 -11.01 -17.70
C VAL A 278 -15.37 -9.94 -17.80
N VAL A 279 -15.75 -8.77 -18.29
CA VAL A 279 -14.91 -7.58 -18.24
C VAL A 279 -15.50 -6.64 -17.20
N ILE A 280 -14.67 -6.19 -16.25
CA ILE A 280 -15.08 -5.27 -15.21
C ILE A 280 -14.53 -3.88 -15.54
N ALA A 281 -15.35 -2.85 -15.32
CA ALA A 281 -14.89 -1.46 -15.48
C ALA A 281 -15.65 -0.53 -14.54
N SER A 282 -14.92 0.18 -13.67
CA SER A 282 -15.56 1.10 -12.74
C SER A 282 -14.99 2.49 -12.99
N ASN A 283 -15.81 3.32 -13.60
CA ASN A 283 -15.56 4.75 -13.75
C ASN A 283 -14.27 5.01 -14.53
N VAL A 284 -14.05 4.20 -15.56
CA VAL A 284 -12.96 4.38 -16.50
C VAL A 284 -13.47 4.63 -17.91
N LEU A 285 -14.56 3.96 -18.30
CA LEU A 285 -15.00 4.06 -19.69
C LEU A 285 -15.37 5.50 -20.05
N HIS A 286 -15.97 6.25 -19.12
CA HIS A 286 -16.32 7.63 -19.45
C HIS A 286 -15.10 8.51 -19.65
N ALA A 287 -13.91 8.05 -19.22
CA ALA A 287 -12.68 8.79 -19.44
C ALA A 287 -12.12 8.60 -20.84
N THR A 288 -12.71 7.74 -21.63
CA THR A 288 -12.24 7.52 -22.98
C THR A 288 -12.96 8.47 -23.94
N PRO A 289 -12.35 8.77 -25.10
CA PRO A 289 -12.92 9.82 -25.97
C PRO A 289 -14.16 9.40 -26.74
N CYS A 290 -14.34 8.12 -27.02
CA CYS A 290 -15.44 7.72 -27.89
C CYS A 290 -16.02 6.42 -27.31
N LEU A 291 -17.21 6.50 -26.72
CA LEU A 291 -17.68 5.36 -25.94
C LEU A 291 -17.94 4.14 -26.82
N VAL A 292 -18.46 4.35 -28.04
CA VAL A 292 -18.79 3.23 -28.91
C VAL A 292 -17.52 2.46 -29.30
N GLU A 293 -16.47 3.16 -29.68
CA GLU A 293 -15.21 2.48 -29.99
C GLU A 293 -14.67 1.77 -28.76
N THR A 294 -14.80 2.40 -27.59
CA THR A 294 -14.41 1.79 -26.33
C THR A 294 -15.21 0.53 -26.06
N LEU A 295 -16.52 0.59 -26.25
CA LEU A 295 -17.33 -0.60 -26.00
C LEU A 295 -17.05 -1.69 -27.04
N LYS A 296 -16.78 -1.34 -28.30
CA LYS A 296 -16.37 -2.35 -29.29
C LYS A 296 -15.06 -3.01 -28.90
N ASN A 297 -14.16 -2.28 -28.24
CA ASN A 297 -12.91 -2.89 -27.80
C ASN A 297 -13.16 -3.80 -26.60
N VAL A 298 -14.11 -3.45 -25.73
CA VAL A 298 -14.50 -4.38 -24.67
C VAL A 298 -15.10 -5.65 -25.26
N ARG A 299 -15.93 -5.52 -26.29
CA ARG A 299 -16.57 -6.69 -26.88
C ARG A 299 -15.56 -7.62 -27.53
N THR A 300 -14.53 -7.04 -28.18
CA THR A 300 -13.46 -7.84 -28.76
C THR A 300 -12.86 -8.80 -27.74
N LEU A 301 -12.72 -8.35 -26.48
CA LEU A 301 -12.14 -9.17 -25.43
C LEU A 301 -13.07 -10.29 -24.96
N LEU A 302 -14.38 -10.14 -25.13
CA LEU A 302 -15.34 -11.05 -24.52
C LEU A 302 -15.65 -12.27 -25.39
N GLN A 303 -15.82 -13.43 -24.74
CA GLN A 303 -16.30 -14.63 -25.41
C GLN A 303 -17.75 -14.40 -25.86
N PRO A 304 -18.28 -15.22 -26.77
CA PRO A 304 -19.61 -14.88 -27.36
C PRO A 304 -20.73 -14.79 -26.35
N LYS A 305 -20.63 -15.45 -25.20
CA LYS A 305 -21.60 -15.33 -24.13
C LYS A 305 -21.13 -14.44 -22.98
N GLY A 306 -20.05 -13.67 -23.18
CA GLY A 306 -19.47 -12.88 -22.11
C GLY A 306 -20.27 -11.62 -21.74
N PHE A 307 -19.85 -10.99 -20.65
CA PHE A 307 -20.55 -9.86 -20.05
C PHE A 307 -19.59 -8.73 -19.74
N LEU A 308 -20.05 -7.51 -19.94
CA LEU A 308 -19.44 -6.32 -19.38
C LEU A 308 -20.20 -5.92 -18.12
N PHE A 309 -19.50 -5.81 -17.00
CA PHE A 309 -20.06 -5.20 -15.82
C PHE A 309 -19.42 -3.82 -15.66
N ASN A 310 -20.24 -2.79 -15.78
CA ASN A 310 -19.76 -1.40 -15.92
C ASN A 310 -20.39 -0.56 -14.81
N GLN A 311 -19.55 -0.12 -13.88
CA GLN A 311 -19.98 0.76 -12.80
C GLN A 311 -19.64 2.19 -13.19
N GLU A 312 -20.65 3.06 -13.28
CA GLU A 312 -20.41 4.37 -13.88
C GLU A 312 -21.24 5.48 -13.23
N LEU A 313 -20.57 6.55 -12.84
CA LEU A 313 -21.25 7.71 -12.26
C LEU A 313 -22.27 8.30 -13.23
N SER A 314 -23.44 8.63 -12.67
CA SER A 314 -24.31 9.63 -13.28
C SER A 314 -25.14 10.35 -12.21
N PRO A 315 -24.51 10.95 -11.19
CA PRO A 315 -25.30 11.65 -10.16
C PRO A 315 -25.94 12.90 -10.74
N PRO A 316 -27.06 13.34 -10.16
CA PRO A 316 -27.64 14.61 -10.64
C PRO A 316 -26.85 15.83 -10.22
N GLY A 317 -26.14 15.77 -9.09
CA GLY A 317 -25.40 16.92 -8.60
C GLY A 317 -23.98 16.97 -9.15
N LYS A 318 -23.23 17.95 -8.63
CA LYS A 318 -22.00 18.40 -9.29
C LYS A 318 -20.75 18.14 -8.44
N TYR A 319 -20.80 17.20 -7.50
CA TYR A 319 -19.64 16.95 -6.66
C TYR A 319 -18.47 16.45 -7.50
N VAL A 320 -18.74 15.61 -8.50
CA VAL A 320 -17.66 15.10 -9.34
C VAL A 320 -17.12 16.18 -10.25
N ASP A 321 -18.00 17.03 -10.79
CA ASP A 321 -17.55 18.20 -11.55
C ASP A 321 -16.60 19.04 -10.72
N PHE A 322 -16.96 19.29 -9.46
CA PHE A 322 -16.08 20.06 -8.59
C PHE A 322 -14.73 19.38 -8.40
N MET A 323 -14.74 18.05 -8.23
CA MET A 323 -13.55 17.36 -7.78
C MET A 323 -12.54 17.16 -8.89
N VAL A 324 -13.02 16.89 -10.11
CA VAL A 324 -12.14 16.54 -11.21
C VAL A 324 -12.19 17.54 -12.35
N GLY A 325 -12.98 18.60 -12.23
CA GLY A 325 -13.06 19.60 -13.28
C GLY A 325 -11.75 20.29 -13.60
N LEU A 326 -10.79 20.28 -12.67
CA LEU A 326 -9.51 20.89 -12.93
C LEU A 326 -8.63 20.07 -13.88
N LEU A 327 -9.09 18.86 -14.26
CA LEU A 327 -8.41 18.03 -15.27
C LEU A 327 -8.97 18.32 -16.67
N PRO A 328 -8.06 18.40 -17.65
CA PRO A 328 -8.48 18.69 -19.03
C PRO A 328 -9.50 17.70 -19.57
N GLY A 329 -9.38 16.43 -19.19
CA GLY A 329 -10.27 15.40 -19.68
C GLY A 329 -11.73 15.58 -19.29
N TRP A 330 -12.01 16.30 -18.20
CA TRP A 330 -13.40 16.52 -17.81
C TRP A 330 -14.16 17.32 -18.87
N TRP A 331 -13.44 18.00 -19.75
CA TRP A 331 -14.07 18.87 -20.74
C TRP A 331 -14.13 18.25 -22.12
N LEU A 332 -13.68 17.00 -22.26
CA LEU A 332 -13.99 16.25 -23.46
C LEU A 332 -15.43 15.75 -23.41
N GLY A 333 -15.95 15.36 -24.57
CA GLY A 333 -17.30 14.81 -24.64
C GLY A 333 -18.14 15.35 -25.78
N GLU A 334 -17.91 16.60 -26.18
CA GLU A 334 -18.75 17.24 -27.19
C GLU A 334 -18.64 16.56 -28.55
N ALA A 335 -17.45 16.06 -28.93
CA ALA A 335 -17.31 15.29 -30.17
C ALA A 335 -17.84 13.87 -30.06
N ASP A 336 -18.28 13.46 -28.86
CA ASP A 336 -18.80 12.12 -28.60
C ASP A 336 -20.22 12.18 -28.04
N GLY A 337 -20.95 13.24 -28.40
CA GLY A 337 -22.33 13.35 -28.00
C GLY A 337 -22.50 13.50 -26.50
N ARG A 338 -21.51 14.07 -25.83
CA ARG A 338 -21.48 14.21 -24.36
C ARG A 338 -21.08 15.64 -24.03
N ALA A 339 -21.89 16.60 -24.49
CA ALA A 339 -21.56 18.01 -24.32
C ALA A 339 -21.57 18.42 -22.85
N GLY A 340 -22.54 17.94 -22.08
CA GLY A 340 -22.65 18.29 -20.68
C GLY A 340 -21.56 17.71 -19.77
N GLY A 341 -20.73 16.81 -20.27
CA GLY A 341 -19.70 16.19 -19.45
C GLY A 341 -19.57 14.71 -19.76
N PRO A 342 -18.51 14.08 -19.30
CA PRO A 342 -18.22 12.70 -19.76
C PRO A 342 -19.13 11.63 -19.18
N CYS A 343 -19.83 11.89 -18.07
CA CYS A 343 -20.66 10.88 -17.41
C CYS A 343 -22.06 10.90 -18.01
N ILE A 344 -22.63 9.72 -18.28
CA ILE A 344 -23.95 9.61 -18.89
C ILE A 344 -24.81 8.64 -18.09
N PRO A 345 -26.13 8.81 -18.07
CA PRO A 345 -27.00 7.89 -17.28
C PRO A 345 -27.20 6.58 -18.02
N PRO A 346 -27.85 5.58 -17.39
CA PRO A 346 -27.93 4.24 -18.03
C PRO A 346 -28.63 4.21 -19.37
N ALA A 347 -29.70 4.98 -19.56
CA ALA A 347 -30.40 4.98 -20.85
C ALA A 347 -29.43 5.33 -21.98
N GLU A 348 -28.46 6.22 -21.70
CA GLU A 348 -27.48 6.54 -22.73
C GLU A 348 -26.49 5.40 -22.93
N TRP A 349 -26.05 4.75 -21.84
CA TRP A 349 -25.19 3.58 -21.99
C TRP A 349 -25.87 2.52 -22.84
N ASP A 350 -27.14 2.22 -22.53
CA ASP A 350 -27.93 1.27 -23.31
C ASP A 350 -27.86 1.59 -24.81
N ARG A 351 -28.12 2.84 -25.17
CA ARG A 351 -27.99 3.28 -26.57
C ARG A 351 -26.63 2.89 -27.14
N ARG A 352 -25.57 3.21 -26.43
CA ARG A 352 -24.26 3.04 -27.04
C ARG A 352 -23.78 1.59 -26.98
N LEU A 353 -24.27 0.83 -26.00
CA LEU A 353 -24.01 -0.59 -25.97
C LEU A 353 -24.58 -1.26 -27.22
N LYS A 354 -25.79 -0.86 -27.63
CA LYS A 354 -26.39 -1.44 -28.83
C LYS A 354 -25.58 -1.12 -30.08
N GLN A 355 -25.03 0.10 -30.15
CA GLN A 355 -24.17 0.49 -31.27
C GLN A 355 -22.86 -0.27 -31.29
N ALA A 356 -22.47 -0.90 -30.18
CA ALA A 356 -21.16 -1.54 -30.09
C ALA A 356 -21.23 -3.06 -30.16
N GLY A 357 -22.41 -3.64 -30.40
CA GLY A 357 -22.55 -5.07 -30.45
C GLY A 357 -22.92 -5.76 -29.15
N PHE A 358 -23.41 -5.03 -28.15
CA PHE A 358 -24.04 -5.64 -26.99
C PHE A 358 -25.56 -5.62 -27.16
N GLU A 359 -26.25 -6.44 -26.38
CA GLU A 359 -27.72 -6.46 -26.36
C GLU A 359 -28.28 -5.29 -25.55
N GLY A 360 -27.71 -4.09 -25.74
CA GLY A 360 -28.08 -3.05 -24.80
C GLY A 360 -27.75 -3.46 -23.39
N LEU A 361 -28.40 -2.77 -22.45
CA LEU A 361 -28.28 -3.16 -21.05
C LEU A 361 -28.96 -4.49 -20.79
N HIS A 362 -28.44 -5.23 -19.82
CA HIS A 362 -29.06 -6.46 -19.35
C HIS A 362 -29.75 -6.24 -18.02
N ALA A 363 -29.02 -5.73 -17.03
CA ALA A 363 -29.55 -5.41 -15.71
C ALA A 363 -28.89 -4.14 -15.21
N VAL A 364 -29.61 -3.37 -14.39
CA VAL A 364 -29.05 -2.16 -13.78
C VAL A 364 -29.54 -2.08 -12.34
N GLY A 365 -28.61 -1.80 -11.43
CA GLY A 365 -28.95 -1.46 -10.06
C GLY A 365 -28.21 -0.20 -9.63
N LEU A 366 -28.93 0.73 -9.03
CA LEU A 366 -28.31 1.97 -8.58
C LEU A 366 -27.78 1.81 -7.16
N ASP A 367 -26.79 2.62 -6.82
CA ASP A 367 -26.20 2.56 -5.49
C ASP A 367 -27.01 3.34 -4.44
N SER A 368 -28.19 3.81 -4.81
CA SER A 368 -29.12 4.55 -3.96
C SER A 368 -30.46 4.62 -4.68
N GLU A 369 -31.53 4.81 -3.90
CA GLU A 369 -32.83 5.06 -4.52
C GLU A 369 -32.79 6.40 -5.26
N PRO A 370 -33.29 6.45 -6.49
CA PRO A 370 -33.26 7.70 -7.25
C PRO A 370 -34.03 8.79 -6.53
N PRO A 371 -33.75 10.07 -6.81
CA PRO A 371 -32.79 10.50 -7.83
C PRO A 371 -31.36 10.71 -7.33
N PHE A 372 -31.11 10.60 -6.02
CA PHE A 372 -29.81 11.00 -5.47
C PHE A 372 -28.95 9.76 -5.27
N TYR A 373 -28.46 9.24 -6.40
CA TYR A 373 -27.52 8.15 -6.45
C TYR A 373 -26.24 8.66 -7.08
N TYR A 374 -25.16 7.87 -6.96
CA TYR A 374 -23.91 8.23 -7.62
C TYR A 374 -23.57 7.29 -8.78
N ASN A 375 -23.42 5.98 -8.52
CA ASN A 375 -23.06 4.99 -9.51
C ASN A 375 -24.28 4.21 -10.01
N ALA A 376 -24.34 4.01 -11.33
CA ALA A 376 -25.17 2.95 -11.91
C ALA A 376 -24.32 1.69 -12.14
N ASN A 377 -24.77 0.56 -11.60
CA ASN A 377 -24.10 -0.74 -11.77
C ASN A 377 -24.79 -1.46 -12.92
N MET A 378 -24.13 -1.50 -14.08
CA MET A 378 -24.74 -1.97 -15.33
C MET A 378 -24.11 -3.27 -15.78
N LEU A 379 -24.95 -4.24 -16.15
CA LEU A 379 -24.49 -5.49 -16.76
C LEU A 379 -25.00 -5.54 -18.19
N ALA A 380 -24.12 -5.83 -19.12
CA ALA A 380 -24.48 -5.89 -20.53
C ALA A 380 -23.88 -7.16 -21.12
N ARG A 381 -24.63 -7.80 -22.01
CA ARG A 381 -24.26 -9.05 -22.64
C ARG A 381 -23.86 -8.82 -24.10
N VAL A 382 -22.88 -9.60 -24.56
CA VAL A 382 -22.51 -9.54 -25.97
C VAL A 382 -23.71 -9.96 -26.81
N ALA A 383 -23.93 -9.27 -27.92
CA ALA A 383 -24.93 -9.72 -28.89
C ALA A 383 -24.26 -10.70 -29.85
N LEU B 26 36.28 -0.87 9.79
CA LEU B 26 35.38 -0.04 10.60
C LEU B 26 36.06 1.13 11.35
N SER B 27 37.36 1.35 11.13
CA SER B 27 38.07 2.27 12.01
C SER B 27 37.97 3.72 11.58
N ASN B 28 37.45 4.02 10.40
CA ASN B 28 37.14 5.40 10.02
C ASN B 28 35.80 5.88 10.57
N TRP B 29 35.04 5.02 11.25
CA TRP B 29 33.65 5.32 11.59
C TRP B 29 33.41 5.10 13.06
N GLN B 30 34.29 5.65 13.88
CA GLN B 30 34.30 5.39 15.31
C GLN B 30 33.81 6.56 16.14
N THR B 31 33.51 7.71 15.53
CA THR B 31 33.05 8.88 16.27
C THR B 31 31.85 9.53 15.57
N VAL B 32 30.99 10.15 16.37
CA VAL B 32 29.84 10.90 15.88
C VAL B 32 30.08 12.37 16.18
N ASP B 33 29.90 13.23 15.16
CA ASP B 33 29.95 14.68 15.33
C ASP B 33 28.76 15.25 14.55
N LEU B 34 27.68 15.61 15.27
CA LEU B 34 26.44 15.98 14.61
C LEU B 34 26.58 17.28 13.81
N GLN B 35 27.44 18.20 14.26
CA GLN B 35 27.68 19.48 13.60
C GLN B 35 26.39 20.29 13.37
N TRP B 36 25.54 20.30 14.40
CA TRP B 36 24.30 21.05 14.41
C TRP B 36 24.36 22.31 15.28
N THR B 37 25.37 22.45 16.12
CA THR B 37 25.56 23.58 17.00
C THR B 37 27.04 23.92 17.03
N PRO B 38 27.41 25.14 17.45
CA PRO B 38 28.80 25.59 17.23
C PRO B 38 29.88 24.80 17.95
N ASP B 39 29.66 24.37 19.20
CA ASP B 39 30.74 23.71 19.92
C ASP B 39 30.66 22.19 19.82
N SER B 40 29.94 21.69 18.81
CA SER B 40 29.90 20.26 18.53
C SER B 40 31.32 19.71 18.41
N THR B 41 31.58 18.61 19.11
CA THR B 41 32.85 17.91 19.00
C THR B 41 32.61 16.41 18.93
N PRO B 42 33.46 15.69 18.20
CA PRO B 42 33.19 14.28 17.95
C PRO B 42 33.23 13.44 19.21
N THR B 43 32.25 12.53 19.32
CA THR B 43 32.02 11.61 20.44
C THR B 43 32.25 10.18 19.98
N PRO B 44 33.03 9.38 20.69
CA PRO B 44 33.25 7.99 20.26
C PRO B 44 31.94 7.22 20.13
N VAL B 45 31.78 6.53 19.01
CA VAL B 45 30.56 5.78 18.72
C VAL B 45 30.30 4.71 19.76
N SER B 46 31.34 4.24 20.45
CA SER B 46 31.15 3.25 21.52
C SER B 46 30.29 3.81 22.64
N GLN B 47 30.14 5.13 22.73
CA GLN B 47 29.27 5.71 23.74
C GLN B 47 27.83 5.86 23.25
N LEU B 48 27.57 5.65 21.96
CA LEU B 48 26.29 6.03 21.33
C LEU B 48 25.56 4.85 20.69
N LEU B 49 26.27 3.94 20.02
CA LEU B 49 25.73 2.72 19.41
C LEU B 49 26.64 1.57 19.81
N HIS B 50 26.13 0.64 20.62
CA HIS B 50 26.98 -0.46 21.09
C HIS B 50 26.07 -1.64 21.47
N PRO B 51 26.65 -2.84 21.60
CA PRO B 51 25.86 -3.98 22.05
C PRO B 51 25.27 -3.74 23.44
N THR B 52 24.07 -4.25 23.65
CA THR B 52 23.47 -4.22 24.98
C THR B 52 24.05 -5.30 25.89
N ARG B 53 24.52 -6.40 25.33
CA ARG B 53 24.92 -7.55 26.14
C ARG B 53 25.78 -8.47 25.30
N GLU B 54 26.42 -9.43 25.97
CA GLU B 54 27.03 -10.56 25.29
C GLU B 54 25.93 -11.48 24.78
N SER B 55 25.99 -11.82 23.50
CA SER B 55 24.89 -12.57 22.90
C SER B 55 25.30 -13.93 22.32
N GLN B 56 26.54 -14.37 22.54
CA GLN B 56 26.98 -15.59 21.86
C GLN B 56 26.18 -16.82 22.28
N SER B 57 25.73 -16.87 23.54
CA SER B 57 24.97 -18.04 23.99
C SER B 57 23.61 -18.09 23.31
N GLU B 58 22.86 -17.01 23.37
CA GLU B 58 21.55 -17.01 22.70
C GLU B 58 21.69 -17.17 21.19
N GLN B 59 22.79 -16.68 20.60
CA GLN B 59 22.97 -16.86 19.17
C GLN B 59 23.20 -18.32 18.81
N GLU B 60 23.99 -19.04 19.62
CA GLU B 60 24.15 -20.47 19.36
C GLU B 60 22.87 -21.24 19.65
N MET B 61 22.08 -20.78 20.63
CA MET B 61 20.77 -21.37 20.85
C MET B 61 19.90 -21.24 19.60
N ILE B 62 19.92 -20.05 18.98
CA ILE B 62 19.15 -19.82 17.76
C ILE B 62 19.72 -20.63 16.61
N ALA B 63 21.04 -20.63 16.47
CA ALA B 63 21.62 -21.36 15.36
C ALA B 63 21.28 -22.84 15.47
N ARG B 64 21.40 -23.39 16.68
CA ARG B 64 21.05 -24.79 16.95
C ARG B 64 19.60 -25.08 16.56
N MET B 65 18.68 -24.20 16.95
CA MET B 65 17.27 -24.41 16.63
C MET B 65 17.04 -24.49 15.13
N TRP B 66 17.39 -23.43 14.39
CA TRP B 66 17.01 -23.43 12.97
C TRP B 66 17.77 -24.52 12.20
N VAL B 67 18.95 -24.91 12.65
CA VAL B 67 19.62 -26.06 12.02
C VAL B 67 18.80 -27.33 12.23
N LEU B 68 18.36 -27.57 13.47
CA LEU B 68 17.46 -28.69 13.74
C LEU B 68 16.23 -28.66 12.84
N CYS B 69 15.59 -27.49 12.73
CA CYS B 69 14.41 -27.35 11.89
C CYS B 69 14.75 -27.64 10.44
N ALA B 70 15.90 -27.14 9.96
CA ALA B 70 16.28 -27.32 8.56
C ALA B 70 16.54 -28.79 8.24
N ILE B 71 17.24 -29.51 9.12
CA ILE B 71 17.40 -30.96 8.99
C ILE B 71 16.03 -31.62 8.85
N GLN B 72 15.12 -31.28 9.77
CA GLN B 72 13.81 -31.93 9.79
C GLN B 72 12.99 -31.61 8.56
N MET B 73 13.30 -30.51 7.86
CA MET B 73 12.51 -30.11 6.69
C MET B 73 12.89 -30.85 5.42
N GLN B 74 14.09 -31.46 5.37
CA GLN B 74 14.61 -31.99 4.12
C GLN B 74 13.62 -32.93 3.45
N GLU B 75 13.09 -33.91 4.19
CA GLU B 75 12.22 -34.91 3.59
C GLU B 75 10.87 -34.31 3.19
N LYS B 76 10.29 -33.47 4.06
CA LYS B 76 9.03 -32.80 3.73
C LYS B 76 9.18 -31.97 2.45
N LEU B 77 10.25 -31.18 2.39
CA LEU B 77 10.49 -30.35 1.20
C LEU B 77 10.67 -31.19 -0.05
N LYS B 78 11.40 -32.31 0.06
CA LYS B 78 11.72 -33.12 -1.12
C LYS B 78 10.45 -33.67 -1.78
N SER B 79 9.49 -34.13 -0.99
CA SER B 79 8.28 -34.72 -1.50
C SER B 79 7.16 -33.70 -1.78
N ALA B 80 7.38 -32.42 -1.49
CA ALA B 80 6.31 -31.46 -1.72
C ALA B 80 6.42 -30.86 -3.12
N THR B 81 5.31 -30.28 -3.58
CA THR B 81 5.27 -29.57 -4.85
C THR B 81 5.60 -28.10 -4.59
N CYS B 82 6.76 -27.66 -5.06
CA CYS B 82 7.14 -26.25 -4.96
C CYS B 82 6.47 -25.49 -6.09
N THR B 83 5.46 -24.68 -5.74
CA THR B 83 4.55 -24.13 -6.74
C THR B 83 5.01 -22.81 -7.33
N LYS B 84 6.16 -22.30 -6.89
CA LYS B 84 6.70 -21.04 -7.36
C LYS B 84 8.20 -21.19 -7.47
N PRO B 85 8.83 -20.50 -8.43
CA PRO B 85 10.28 -20.69 -8.63
C PRO B 85 11.14 -20.39 -7.40
N HIS B 86 10.73 -19.49 -6.52
CA HIS B 86 11.55 -19.23 -5.34
C HIS B 86 11.39 -20.28 -4.25
N PHE B 87 10.26 -21.00 -4.25
CA PHE B 87 10.14 -22.14 -3.35
C PHE B 87 11.14 -23.22 -3.73
N GLU B 88 11.33 -23.44 -5.04
CA GLU B 88 12.36 -24.36 -5.52
C GLU B 88 13.75 -23.88 -5.13
N LYS B 89 13.98 -22.58 -5.24
CA LYS B 89 15.28 -22.02 -4.88
C LYS B 89 15.58 -22.21 -3.40
N TYR B 90 14.57 -21.98 -2.54
CA TYR B 90 14.74 -22.16 -1.11
C TYR B 90 15.02 -23.63 -0.78
N ARG B 91 14.27 -24.55 -1.39
CA ARG B 91 14.54 -25.98 -1.19
C ARG B 91 15.96 -26.32 -1.62
N ASN B 92 16.38 -25.80 -2.79
CA ASN B 92 17.72 -26.07 -3.28
C ASN B 92 18.77 -25.51 -2.33
N TRP B 93 18.61 -24.25 -1.92
CA TRP B 93 19.52 -23.65 -0.94
C TRP B 93 19.53 -24.46 0.36
N LEU B 94 18.36 -24.89 0.83
CA LEU B 94 18.30 -25.56 2.12
C LEU B 94 18.98 -26.93 2.06
N ALA B 95 18.84 -27.64 0.92
CA ALA B 95 19.56 -28.90 0.74
C ALA B 95 21.06 -28.68 0.76
N SER B 96 21.55 -27.57 0.18
CA SER B 96 22.99 -27.32 0.18
C SER B 96 23.48 -26.95 1.58
N GLU B 97 22.67 -26.25 2.36
CA GLU B 97 23.05 -25.96 3.74
C GLU B 97 23.02 -27.21 4.61
N TYR B 98 22.04 -28.09 4.36
CA TYR B 98 22.00 -29.38 5.05
C TYR B 98 23.28 -30.19 4.81
N GLU B 99 23.87 -30.07 3.62
CA GLU B 99 25.15 -30.70 3.38
C GLU B 99 26.24 -30.13 4.28
N ARG B 100 26.18 -28.82 4.55
CA ARG B 100 27.18 -28.21 5.44
C ARG B 100 27.07 -28.72 6.87
N PHE B 101 25.85 -29.01 7.35
CA PHE B 101 25.69 -29.50 8.72
C PHE B 101 26.50 -30.77 8.98
N LYS B 102 26.79 -31.54 7.94
CA LYS B 102 27.49 -32.83 8.04
C LYS B 102 28.99 -32.71 7.83
N GLN B 103 29.50 -31.50 7.68
CA GLN B 103 30.93 -31.20 7.71
C GLN B 103 31.25 -30.52 9.04
N PRO B 104 32.49 -30.63 9.50
CA PRO B 104 32.85 -30.03 10.79
C PRO B 104 32.86 -28.51 10.74
N GLY B 105 32.82 -27.92 11.93
CA GLY B 105 32.91 -26.48 12.07
C GLY B 105 31.80 -25.66 11.44
N TYR B 106 30.55 -26.12 11.54
CA TYR B 106 29.45 -25.26 11.09
C TYR B 106 29.34 -24.06 12.02
N PRO B 107 29.26 -22.83 11.51
CA PRO B 107 29.31 -21.66 12.38
C PRO B 107 28.26 -21.70 13.47
N GLN B 108 28.73 -21.58 14.72
CA GLN B 108 27.93 -21.51 15.94
C GLN B 108 27.20 -22.83 16.22
N VAL B 109 27.40 -23.85 15.39
CA VAL B 109 26.84 -25.17 15.66
C VAL B 109 27.93 -26.20 15.40
N PRO B 110 29.00 -26.25 16.20
CA PRO B 110 30.09 -27.19 15.92
C PRO B 110 29.66 -28.64 16.03
N ASP B 111 28.58 -28.94 16.77
CA ASP B 111 28.04 -30.29 16.87
C ASP B 111 26.87 -30.51 15.90
N SER B 112 26.87 -29.79 14.77
CA SER B 112 25.80 -29.93 13.79
C SER B 112 25.70 -31.37 13.29
N GLY B 113 26.82 -32.06 13.16
CA GLY B 113 26.81 -33.46 12.77
C GLY B 113 25.96 -34.32 13.68
N ASP B 114 26.12 -34.15 15.01
CA ASP B 114 25.29 -34.89 15.97
C ASP B 114 23.81 -34.62 15.76
N LEU B 115 23.44 -33.38 15.36
CA LEU B 115 22.03 -33.10 15.16
C LEU B 115 21.50 -33.87 13.95
N VAL B 116 22.33 -34.03 12.91
CA VAL B 116 21.94 -34.88 11.79
C VAL B 116 21.77 -36.31 12.26
N ALA B 117 22.66 -36.75 13.16
CA ALA B 117 22.69 -38.14 13.64
C ALA B 117 21.51 -38.51 14.52
N LEU B 118 20.82 -37.53 15.11
CA LEU B 118 19.63 -37.86 15.87
C LEU B 118 18.61 -38.52 14.95
N SER B 119 17.74 -39.35 15.52
CA SER B 119 16.58 -39.81 14.77
C SER B 119 15.59 -38.65 14.57
N ASP B 120 14.70 -38.81 13.58
CA ASP B 120 13.66 -37.83 13.36
C ASP B 120 12.85 -37.59 14.63
N GLY B 121 12.66 -38.65 15.44
CA GLY B 121 11.87 -38.50 16.64
C GLY B 121 12.60 -37.78 17.75
N GLU B 122 13.90 -38.05 17.90
CA GLU B 122 14.69 -37.36 18.90
C GLU B 122 14.98 -35.91 18.52
N ARG B 123 15.06 -35.64 17.21
CA ARG B 123 15.20 -34.25 16.74
C ARG B 123 13.96 -33.45 17.12
N LEU B 124 12.78 -33.99 16.86
CA LEU B 124 11.55 -33.34 17.29
C LEU B 124 11.59 -33.05 18.79
N LYS B 125 12.01 -34.05 19.58
CA LYS B 125 12.12 -33.89 21.03
C LYS B 125 13.03 -32.72 21.40
N ALA B 126 14.18 -32.62 20.75
CA ALA B 126 15.09 -31.50 21.01
C ALA B 126 14.46 -30.17 20.61
N MET B 127 13.75 -30.14 19.48
CA MET B 127 13.11 -28.90 19.06
C MET B 127 12.08 -28.45 20.09
N ASN B 128 11.34 -29.39 20.68
CA ASN B 128 10.31 -29.00 21.64
C ASN B 128 10.89 -28.68 23.01
N GLU B 129 12.01 -29.30 23.39
CA GLU B 129 12.71 -28.86 24.60
C GLU B 129 13.23 -27.43 24.45
N MET B 130 13.68 -27.06 23.25
CA MET B 130 14.14 -25.69 23.05
C MET B 130 12.99 -24.69 23.15
N ARG B 131 11.85 -25.02 22.54
CA ARG B 131 10.69 -24.15 22.60
C ARG B 131 10.22 -23.95 24.05
N GLU B 132 10.15 -25.05 24.82
CA GLU B 132 9.69 -24.93 26.20
C GLU B 132 10.67 -24.13 27.04
N ARG B 133 11.98 -24.33 26.81
CA ARG B 133 13.02 -23.61 27.52
C ARG B 133 12.89 -22.09 27.39
N VAL B 134 12.41 -21.58 26.25
CA VAL B 134 12.36 -20.14 26.01
C VAL B 134 10.95 -19.56 26.15
N LYS B 135 9.96 -20.39 26.49
CA LYS B 135 8.61 -19.90 26.69
C LYS B 135 8.59 -18.82 27.78
N ASP B 136 7.86 -17.74 27.52
CA ASP B 136 7.74 -16.62 28.45
C ASP B 136 9.07 -15.87 28.62
N THR B 137 9.95 -15.94 27.62
CA THR B 137 11.15 -15.11 27.62
C THR B 137 11.22 -14.33 26.32
N TYR B 138 12.13 -13.33 26.31
CA TYR B 138 12.35 -12.51 25.11
C TYR B 138 12.81 -13.33 23.91
N LEU B 139 13.32 -14.55 24.13
CA LEU B 139 13.81 -15.43 23.07
C LEU B 139 12.73 -16.33 22.49
N TRP B 140 11.53 -16.28 23.04
CA TRP B 140 10.41 -17.04 22.50
C TRP B 140 10.27 -16.89 20.98
N PRO B 141 10.22 -15.68 20.40
CA PRO B 141 10.02 -15.57 18.95
C PRO B 141 11.14 -16.13 18.10
N VAL B 142 12.40 -16.03 18.55
CA VAL B 142 13.50 -16.50 17.73
C VAL B 142 13.63 -18.03 17.75
N ILE B 143 13.00 -18.72 18.70
CA ILE B 143 12.96 -20.19 18.67
C ILE B 143 11.66 -20.68 18.05
N GLU B 144 10.53 -20.07 18.42
CA GLU B 144 9.24 -20.46 17.87
C GLU B 144 9.16 -20.16 16.38
N GLY B 145 9.83 -19.11 15.92
CA GLY B 145 9.83 -18.71 14.53
C GLY B 145 10.27 -19.82 13.60
N PRO B 146 11.51 -20.29 13.77
CA PRO B 146 11.97 -21.40 12.93
C PRO B 146 11.14 -22.68 13.09
N TRP B 147 10.63 -22.97 14.29
CA TRP B 147 9.71 -24.08 14.43
C TRP B 147 8.51 -23.93 13.50
N ARG B 148 7.93 -22.72 13.45
CA ARG B 148 6.78 -22.46 12.59
C ARG B 148 7.12 -22.66 11.12
N VAL B 149 8.33 -22.27 10.72
CA VAL B 149 8.75 -22.47 9.32
C VAL B 149 8.82 -23.96 9.01
N TYR B 150 9.47 -24.74 9.89
CA TYR B 150 9.45 -26.19 9.73
C TYR B 150 8.03 -26.73 9.69
N ASP B 151 7.19 -26.26 10.61
CA ASP B 151 5.90 -26.90 10.82
C ASP B 151 4.91 -26.62 9.69
N ASN B 152 5.08 -25.52 8.95
CA ASN B 152 4.16 -25.18 7.88
C ASN B 152 4.77 -25.29 6.49
N VAL B 153 6.01 -25.77 6.35
CA VAL B 153 6.75 -25.56 5.12
C VAL B 153 5.98 -26.07 3.91
N VAL B 154 5.35 -27.25 4.04
CA VAL B 154 4.64 -27.86 2.92
C VAL B 154 3.43 -27.00 2.53
N ASP B 155 2.64 -26.56 3.51
CA ASP B 155 1.52 -25.68 3.22
C ASP B 155 1.99 -24.38 2.59
N ILE B 156 3.21 -23.96 2.89
CA ILE B 156 3.70 -22.70 2.33
C ILE B 156 4.14 -22.89 0.88
N VAL B 157 4.98 -23.90 0.60
CA VAL B 157 5.47 -24.09 -0.76
C VAL B 157 4.36 -24.57 -1.69
N GLU B 158 3.33 -25.21 -1.14
CA GLU B 158 2.21 -25.65 -1.97
C GLU B 158 1.07 -24.62 -2.02
N GLY B 159 1.27 -23.42 -1.46
CA GLY B 159 0.34 -22.33 -1.70
C GLY B 159 -0.97 -22.37 -0.93
N ARG B 160 -1.02 -23.08 0.19
CA ARG B 160 -2.20 -23.11 1.04
C ARG B 160 -2.14 -22.13 2.20
N VAL B 161 -0.94 -21.67 2.59
CA VAL B 161 -0.80 -20.65 3.63
C VAL B 161 0.41 -19.78 3.30
N LYS B 162 0.34 -18.51 3.71
CA LYS B 162 1.44 -17.56 3.57
C LYS B 162 2.35 -17.59 4.80
N LEU B 163 3.66 -17.45 4.58
CA LEU B 163 4.61 -17.31 5.68
C LEU B 163 4.24 -16.14 6.60
N VAL B 164 3.97 -14.96 6.04
CA VAL B 164 3.69 -13.80 6.89
C VAL B 164 2.55 -14.09 7.87
N LYS B 165 1.48 -14.73 7.39
CA LYS B 165 0.40 -15.12 8.30
C LYS B 165 0.85 -16.16 9.33
N VAL B 166 1.64 -17.14 8.89
CA VAL B 166 2.22 -18.08 9.87
C VAL B 166 3.00 -17.32 10.94
N LEU B 167 3.76 -16.30 10.55
CA LEU B 167 4.61 -15.63 11.51
C LEU B 167 3.88 -14.55 12.32
N LEU B 168 2.66 -14.19 11.94
CA LEU B 168 1.92 -13.16 12.66
C LEU B 168 1.19 -13.70 13.88
N LYS B 169 0.93 -15.00 13.92
CA LYS B 169 0.17 -15.56 15.02
C LYS B 169 0.85 -15.23 16.34
N ASP B 170 0.02 -14.84 17.32
CA ASP B 170 0.43 -14.54 18.69
C ASP B 170 1.53 -13.47 18.76
N GLY B 171 1.46 -12.49 17.85
CA GLY B 171 2.39 -11.38 17.85
C GLY B 171 3.84 -11.76 17.68
N LEU B 172 4.13 -12.95 17.11
CA LEU B 172 5.50 -13.41 16.99
C LEU B 172 6.38 -12.41 16.21
N LEU B 173 5.90 -11.93 15.06
CA LEU B 173 6.71 -11.01 14.24
C LEU B 173 7.15 -9.79 15.03
N GLU B 174 6.23 -9.18 15.78
CA GLU B 174 6.61 -8.01 16.58
C GLU B 174 7.66 -8.39 17.62
N LYS B 175 7.46 -9.53 18.28
CA LYS B 175 8.40 -9.95 19.33
C LYS B 175 9.76 -10.30 18.74
N PHE B 176 9.76 -10.79 17.49
CA PHE B 176 11.00 -11.06 16.78
C PHE B 176 11.82 -9.78 16.59
N TYR B 177 11.20 -8.74 16.03
CA TYR B 177 11.92 -7.48 15.85
C TYR B 177 12.33 -6.86 17.20
N ASP B 178 11.50 -7.02 18.25
CA ASP B 178 11.96 -6.66 19.59
C ASP B 178 13.25 -7.40 19.97
N TRP B 179 13.38 -8.68 19.56
CA TRP B 179 14.61 -9.40 19.90
C TRP B 179 15.81 -8.79 19.18
N ALA B 180 15.72 -8.64 17.87
CA ALA B 180 16.82 -8.03 17.12
C ALA B 180 17.17 -6.67 17.69
N ASN B 181 16.15 -5.86 17.98
CA ASN B 181 16.40 -4.54 18.56
C ASN B 181 17.04 -4.65 19.94
N SER B 182 16.73 -5.73 20.67
CA SER B 182 17.26 -5.85 22.03
C SER B 182 18.78 -6.02 22.07
N LEU B 183 19.41 -6.37 20.95
CA LEU B 183 20.86 -6.49 20.94
C LEU B 183 21.58 -5.17 20.78
N SER B 184 20.87 -4.11 20.36
CA SER B 184 21.49 -2.83 19.99
C SER B 184 21.05 -1.75 20.98
N GLU B 185 22.04 -1.06 21.55
CA GLU B 185 21.81 0.12 22.37
C GLU B 185 22.01 1.34 21.48
N VAL B 186 20.92 2.03 21.17
CA VAL B 186 20.96 3.21 20.31
C VAL B 186 20.43 4.44 21.01
N ARG B 187 19.90 4.29 22.22
CA ARG B 187 19.23 5.39 22.91
C ARG B 187 20.19 6.55 23.22
N PRO B 188 21.46 6.31 23.56
CA PRO B 188 22.36 7.47 23.72
C PRO B 188 22.58 8.26 22.44
N LEU B 189 22.62 7.62 21.27
CA LEU B 189 22.68 8.38 20.03
C LEU B 189 21.44 9.25 19.86
N ILE B 190 20.25 8.65 19.99
CA ILE B 190 19.01 9.40 19.81
C ILE B 190 18.94 10.52 20.82
N ASN B 191 19.34 10.25 22.07
CA ASN B 191 19.29 11.28 23.10
C ASN B 191 20.23 12.44 22.78
N LEU B 192 21.42 12.14 22.27
CA LEU B 192 22.33 13.22 21.89
C LEU B 192 21.72 14.10 20.80
N MET B 193 21.14 13.49 19.76
CA MET B 193 20.48 14.25 18.71
C MET B 193 19.38 15.12 19.27
N GLY B 194 18.60 14.58 20.22
CA GLY B 194 17.47 15.31 20.75
C GLY B 194 17.88 16.42 21.72
N ARG B 195 18.88 16.14 22.55
CA ARG B 195 19.41 17.19 23.42
C ARG B 195 20.07 18.30 22.60
N THR B 196 20.63 17.95 21.43
CA THR B 196 21.25 18.93 20.53
C THR B 196 20.20 19.68 19.71
N ASN B 197 19.18 18.99 19.21
CA ASN B 197 18.06 19.63 18.52
C ASN B 197 16.77 19.16 19.17
N PRO B 198 16.31 19.86 20.22
CA PRO B 198 15.10 19.41 20.93
C PRO B 198 13.80 19.55 20.13
N GLY B 199 13.85 20.14 18.94
CA GLY B 199 12.71 20.19 18.05
C GLY B 199 12.89 19.26 16.86
N LEU B 200 13.67 18.19 17.06
CA LEU B 200 14.02 17.25 15.99
C LEU B 200 12.81 16.83 15.18
N ARG B 201 12.96 16.84 13.87
CA ARG B 201 11.97 16.29 12.94
C ARG B 201 12.50 14.93 12.47
N ILE B 202 11.83 13.86 12.88
CA ILE B 202 12.22 12.49 12.56
C ILE B 202 11.16 11.86 11.69
N LEU B 203 11.61 11.15 10.64
CA LEU B 203 10.78 10.23 9.87
C LEU B 203 11.41 8.85 9.94
N GLU B 204 10.61 7.82 10.26
CA GLU B 204 11.10 6.46 10.18
C GLU B 204 10.52 5.78 8.95
N ILE B 205 11.40 5.12 8.17
CA ILE B 205 11.04 4.28 7.02
C ILE B 205 10.72 2.88 7.52
N GLY B 206 9.69 2.26 6.95
CA GLY B 206 9.41 0.85 7.19
C GLY B 206 9.32 0.50 8.66
N ALA B 207 8.71 1.37 9.45
CA ALA B 207 8.73 1.23 10.90
C ALA B 207 8.07 -0.07 11.36
N GLY B 208 7.12 -0.59 10.56
CA GLY B 208 6.58 -1.93 10.73
C GLY B 208 5.86 -2.13 12.04
N THR B 209 6.24 -3.22 12.73
CA THR B 209 5.76 -3.52 14.08
C THR B 209 6.18 -2.48 15.10
N GLY B 210 7.12 -1.61 14.76
CA GLY B 210 7.58 -0.59 15.69
C GLY B 210 8.73 -0.99 16.57
N GLY B 211 9.50 -2.01 16.18
CA GLY B 211 10.56 -2.51 17.04
C GLY B 211 11.64 -1.48 17.32
N THR B 212 12.10 -0.78 16.29
CA THR B 212 13.11 0.27 16.49
C THR B 212 12.50 1.56 17.04
N THR B 213 11.33 1.95 16.53
CA THR B 213 10.57 3.07 17.02
C THR B 213 10.52 3.16 18.55
N ALA B 214 10.26 2.02 19.21
CA ALA B 214 10.12 1.95 20.66
C ALA B 214 11.42 2.29 21.37
N ARG B 215 12.55 1.91 20.79
CA ARG B 215 13.83 2.33 21.34
C ARG B 215 14.10 3.81 21.08
N VAL B 216 13.81 4.27 19.86
CA VAL B 216 14.06 5.66 19.49
C VAL B 216 13.25 6.59 20.39
N PHE B 217 12.00 6.26 20.65
CA PHE B 217 11.16 7.10 21.49
C PHE B 217 11.70 7.20 22.92
N GLU B 218 12.33 6.13 23.43
CA GLU B 218 12.88 6.21 24.77
C GLU B 218 14.01 7.23 24.83
N GLY B 219 14.82 7.29 23.77
CA GLY B 219 15.86 8.30 23.70
C GLY B 219 15.30 9.72 23.61
N LEU B 220 14.15 9.89 22.98
CA LEU B 220 13.57 11.20 22.78
C LEU B 220 12.75 11.66 23.97
N ASN B 221 12.41 10.75 24.88
CA ASN B 221 11.57 11.04 26.04
C ASN B 221 12.33 10.63 27.30
N PRO B 222 13.42 11.34 27.63
CA PRO B 222 14.25 10.92 28.77
C PRO B 222 13.56 11.07 30.12
N ASP B 223 12.74 12.11 30.31
CA ASP B 223 12.04 12.32 31.57
C ASP B 223 10.59 12.68 31.28
N ALA B 224 9.72 12.44 32.26
CA ALA B 224 8.34 12.90 32.14
C ALA B 224 8.32 14.41 31.94
N GLY B 225 7.52 14.86 30.98
CA GLY B 225 7.43 16.27 30.69
C GLY B 225 8.49 16.80 29.75
N LYS B 226 9.35 15.92 29.26
CA LYS B 226 10.45 16.32 28.34
C LYS B 226 10.29 15.56 27.01
N GLN B 227 10.32 16.28 25.88
CA GLN B 227 10.18 15.65 24.57
C GLN B 227 11.15 16.29 23.59
N LEU B 228 12.23 15.56 23.26
CA LEU B 228 13.34 16.10 22.47
C LEU B 228 13.08 16.03 20.97
N TYR B 229 11.84 16.22 20.55
CA TYR B 229 11.49 16.23 19.15
C TYR B 229 10.24 17.06 18.99
N SER B 230 10.05 17.59 17.78
CA SER B 230 8.84 18.33 17.43
C SER B 230 7.83 17.47 16.70
N SER B 231 8.29 16.49 15.92
CA SER B 231 7.39 15.62 15.17
C SER B 231 8.10 14.30 14.92
N TYR B 232 7.35 13.20 15.04
CA TYR B 232 7.82 11.88 14.63
C TYR B 232 6.85 11.34 13.58
N VAL B 233 7.35 11.14 12.37
CA VAL B 233 6.52 10.61 11.27
C VAL B 233 6.83 9.12 11.14
N PHE B 234 5.93 8.29 11.66
CA PHE B 234 5.99 6.84 11.56
C PHE B 234 5.46 6.44 10.19
N THR B 235 6.32 5.93 9.31
CA THR B 235 5.88 5.49 7.99
C THR B 235 6.20 4.02 7.77
N ASP B 236 5.47 3.44 6.82
CA ASP B 236 5.70 2.11 6.30
C ASP B 236 5.11 2.08 4.89
N ILE B 237 5.58 1.14 4.05
CA ILE B 237 4.94 0.99 2.76
C ILE B 237 3.51 0.46 2.90
N SER B 238 3.20 -0.24 4.01
CA SER B 238 1.87 -0.78 4.25
C SER B 238 1.21 -0.08 5.42
N PRO B 239 0.03 0.52 5.22
CA PRO B 239 -0.69 1.13 6.35
C PRO B 239 -1.33 0.12 7.31
N LEU B 240 -1.28 -1.18 6.98
CA LEU B 240 -1.82 -2.19 7.87
C LEU B 240 -1.15 -2.20 9.23
N PHE B 241 0.01 -1.54 9.36
CA PHE B 241 0.73 -1.45 10.62
C PHE B 241 0.23 -0.33 11.51
N PHE B 242 -0.58 0.60 10.97
CA PHE B 242 -0.75 1.87 11.65
C PHE B 242 -1.61 1.75 12.90
N ASP B 243 -2.66 0.92 12.86
CA ASP B 243 -3.54 0.78 14.03
C ASP B 243 -2.78 0.26 15.23
N SER B 244 -2.07 -0.86 15.08
CA SER B 244 -1.37 -1.41 16.23
C SER B 244 -0.25 -0.50 16.70
N ALA B 245 0.37 0.24 15.79
CA ALA B 245 1.44 1.13 16.20
C ALA B 245 0.89 2.35 16.93
N LYS B 246 -0.29 2.82 16.52
CA LYS B 246 -0.98 3.87 17.25
C LYS B 246 -1.28 3.45 18.68
N ARG B 247 -1.60 2.17 18.89
CA ARG B 247 -1.75 1.65 20.25
C ARG B 247 -0.41 1.58 20.95
N ARG B 248 0.59 0.94 20.32
CA ARG B 248 1.88 0.76 20.96
C ARG B 248 2.46 2.08 21.45
N PHE B 249 2.25 3.14 20.67
CA PHE B 249 2.87 4.44 20.92
C PHE B 249 1.85 5.49 21.33
N GLU B 250 0.80 5.08 22.05
CA GLU B 250 -0.20 6.04 22.48
C GLU B 250 0.33 6.98 23.54
N ALA B 251 1.35 6.56 24.31
CA ALA B 251 1.89 7.46 25.33
C ALA B 251 2.54 8.71 24.75
N TYR B 252 2.97 8.65 23.49
CA TYR B 252 3.85 9.67 22.91
C TYR B 252 3.08 10.69 22.08
N ASP B 253 3.40 11.97 22.29
CA ASP B 253 2.77 13.06 21.57
C ASP B 253 3.46 13.32 20.24
N ASN B 254 2.70 13.96 19.36
CA ASN B 254 3.19 14.53 18.11
C ASN B 254 3.69 13.46 17.15
N VAL B 255 2.98 12.34 17.10
CA VAL B 255 3.32 11.25 16.20
C VAL B 255 2.33 11.22 15.04
N GLU B 256 2.85 11.02 13.83
CA GLU B 256 2.11 10.93 12.59
C GLU B 256 2.35 9.58 11.95
N TYR B 257 1.33 9.04 11.27
CA TYR B 257 1.35 7.67 10.76
C TYR B 257 0.93 7.69 9.29
N ARG B 258 1.89 7.57 8.37
CA ARG B 258 1.66 7.88 6.97
C ARG B 258 2.36 6.87 6.07
N ALA B 259 1.71 6.49 4.97
CA ALA B 259 2.30 5.49 4.10
C ALA B 259 3.44 6.09 3.28
N LEU B 260 4.46 5.25 3.00
CA LEU B 260 5.61 5.72 2.25
C LEU B 260 6.34 4.54 1.64
N ASP B 261 6.58 4.62 0.33
CA ASP B 261 7.38 3.65 -0.41
C ASP B 261 8.72 4.29 -0.72
N ILE B 262 9.77 3.83 -0.03
CA ILE B 262 11.08 4.50 -0.17
C ILE B 262 11.76 4.18 -1.48
N SER B 263 11.28 3.18 -2.23
CA SER B 263 11.83 2.88 -3.55
C SER B 263 11.41 3.91 -4.62
N LYS B 264 10.46 4.79 -4.34
CA LYS B 264 9.99 5.78 -5.28
C LYS B 264 10.12 7.17 -4.67
N ASP B 265 10.03 8.20 -5.52
CA ASP B 265 10.18 9.59 -5.09
C ASP B 265 9.19 9.92 -3.97
N PRO B 266 9.69 10.30 -2.78
CA PRO B 266 8.76 10.66 -1.71
C PRO B 266 8.03 11.97 -1.94
N VAL B 267 8.59 12.93 -2.70
CA VAL B 267 7.85 14.19 -2.90
C VAL B 267 6.53 13.94 -3.62
N GLU B 268 6.55 13.08 -4.66
CA GLU B 268 5.32 12.78 -5.37
C GLU B 268 4.30 12.06 -4.48
N GLN B 269 4.76 11.30 -3.48
CA GLN B 269 3.86 10.62 -2.55
C GLN B 269 3.32 11.52 -1.46
N GLY B 270 3.66 12.81 -1.47
CA GLY B 270 3.11 13.75 -0.53
C GLY B 270 4.03 14.19 0.58
N PHE B 271 5.32 13.86 0.50
CA PHE B 271 6.29 14.27 1.51
C PHE B 271 7.09 15.47 1.03
N GLU B 272 7.50 16.29 1.99
CA GLU B 272 8.19 17.54 1.69
C GLU B 272 9.69 17.31 1.67
N ALA B 273 10.36 17.79 0.61
CA ALA B 273 11.80 17.60 0.47
C ALA B 273 12.57 18.45 1.48
N GLY B 274 13.57 17.83 2.11
CA GLY B 274 14.44 18.53 3.02
C GLY B 274 13.82 18.93 4.34
N ALA B 275 12.69 18.31 4.72
CA ALA B 275 11.94 18.72 5.87
C ALA B 275 12.24 17.90 7.13
N TYR B 276 13.29 17.06 7.12
CA TYR B 276 13.58 16.17 8.24
C TYR B 276 15.05 16.20 8.61
N ASP B 277 15.31 16.13 9.91
CA ASP B 277 16.65 16.14 10.47
C ASP B 277 17.29 14.76 10.55
N VAL B 278 16.48 13.74 10.83
CA VAL B 278 16.95 12.37 10.99
C VAL B 278 15.93 11.46 10.35
N VAL B 279 16.38 10.62 9.42
CA VAL B 279 15.59 9.51 8.88
C VAL B 279 16.04 8.24 9.56
N ILE B 280 15.11 7.53 10.18
CA ILE B 280 15.36 6.24 10.82
C ILE B 280 14.91 5.14 9.88
N ALA B 281 15.72 4.08 9.75
CA ALA B 281 15.33 2.88 9.02
C ALA B 281 15.99 1.66 9.64
N SER B 282 15.22 0.61 9.91
CA SER B 282 15.77 -0.61 10.49
C SER B 282 15.27 -1.81 9.69
N ASN B 283 16.20 -2.38 8.91
CA ASN B 283 15.97 -3.62 8.17
C ASN B 283 14.80 -3.47 7.19
N VAL B 284 14.78 -2.33 6.50
CA VAL B 284 13.82 -2.07 5.44
C VAL B 284 14.53 -1.70 4.13
N LEU B 285 15.67 -1.01 4.20
CA LEU B 285 16.25 -0.55 2.96
C LEU B 285 16.76 -1.72 2.11
N HIS B 286 17.28 -2.79 2.74
CA HIS B 286 17.68 -3.96 1.95
C HIS B 286 16.51 -4.67 1.29
N ALA B 287 15.26 -4.36 1.70
CA ALA B 287 14.11 -4.96 1.05
C ALA B 287 13.72 -4.24 -0.23
N THR B 288 14.34 -3.13 -0.53
CA THR B 288 14.06 -2.40 -1.77
C THR B 288 14.90 -2.94 -2.92
N PRO B 289 14.44 -2.74 -4.16
CA PRO B 289 15.13 -3.35 -5.31
C PRO B 289 16.46 -2.72 -5.67
N CYS B 290 16.66 -1.44 -5.36
CA CYS B 290 17.84 -0.71 -5.82
C CYS B 290 18.27 0.20 -4.69
N LEU B 291 19.38 -0.13 -4.03
CA LEU B 291 19.76 0.62 -2.83
C LEU B 291 20.10 2.07 -3.15
N VAL B 292 20.78 2.32 -4.28
CA VAL B 292 21.21 3.68 -4.59
C VAL B 292 20.01 4.61 -4.76
N GLU B 293 19.01 4.18 -5.55
CA GLU B 293 17.81 5.00 -5.70
C GLU B 293 17.13 5.18 -4.36
N THR B 294 17.06 4.09 -3.59
CA THR B 294 16.45 4.12 -2.26
C THR B 294 17.13 5.14 -1.37
N LEU B 295 18.47 5.11 -1.34
CA LEU B 295 19.20 6.06 -0.53
C LEU B 295 19.09 7.49 -1.08
N LYS B 296 18.99 7.64 -2.40
CA LYS B 296 18.71 8.97 -2.97
C LYS B 296 17.35 9.49 -2.51
N ASN B 297 16.35 8.60 -2.45
CA ASN B 297 15.04 8.98 -1.94
C ASN B 297 15.10 9.36 -0.47
N VAL B 298 15.92 8.66 0.32
CA VAL B 298 16.14 9.07 1.71
C VAL B 298 16.79 10.46 1.74
N ARG B 299 17.81 10.68 0.91
CA ARG B 299 18.49 11.97 0.85
C ARG B 299 17.50 13.10 0.58
N THR B 300 16.54 12.87 -0.31
CA THR B 300 15.56 13.89 -0.67
C THR B 300 14.81 14.44 0.54
N LEU B 301 14.47 13.57 1.52
CA LEU B 301 13.71 13.97 2.70
C LEU B 301 14.53 14.75 3.73
N LEU B 302 15.85 14.64 3.68
CA LEU B 302 16.72 15.20 4.69
C LEU B 302 17.07 16.65 4.41
N GLN B 303 17.04 17.49 5.46
CA GLN B 303 17.65 18.81 5.44
C GLN B 303 19.15 18.69 5.15
N PRO B 304 19.82 19.78 4.76
CA PRO B 304 21.22 19.66 4.27
C PRO B 304 22.22 19.17 5.31
N LYS B 305 21.98 19.36 6.61
CA LYS B 305 22.83 18.82 7.67
C LYS B 305 22.24 17.56 8.33
N GLY B 306 21.29 16.90 7.68
CA GLY B 306 20.61 15.76 8.29
C GLY B 306 21.42 14.47 8.22
N PHE B 307 20.86 13.44 8.88
CA PHE B 307 21.47 12.11 9.00
C PHE B 307 20.45 11.02 8.69
N LEU B 308 20.92 9.99 8.00
CA LEU B 308 20.22 8.70 7.98
C LEU B 308 20.83 7.81 9.07
N PHE B 309 19.99 7.30 9.97
CA PHE B 309 20.38 6.21 10.86
C PHE B 309 19.78 4.92 10.33
N ASN B 310 20.64 3.97 10.00
CA ASN B 310 20.29 2.79 9.21
C ASN B 310 20.76 1.55 9.98
N GLN B 311 19.82 0.85 10.58
CA GLN B 311 20.11 -0.39 11.31
C GLN B 311 19.82 -1.54 10.35
N GLU B 312 20.86 -2.30 9.98
CA GLU B 312 20.76 -3.25 8.87
C GLU B 312 21.51 -4.54 9.16
N LEU B 313 20.84 -5.67 8.90
CA LEU B 313 21.42 -6.99 9.09
C LEU B 313 22.56 -7.26 8.12
N SER B 314 23.65 -7.78 8.66
CA SER B 314 24.66 -8.46 7.85
C SER B 314 25.36 -9.54 8.69
N PRO B 315 24.64 -10.51 9.22
CA PRO B 315 25.28 -11.56 10.01
C PRO B 315 26.03 -12.54 9.12
N PRO B 316 27.06 -13.22 9.64
CA PRO B 316 27.78 -14.20 8.80
C PRO B 316 27.00 -15.48 8.52
N GLY B 317 26.08 -15.87 9.38
CA GLY B 317 25.34 -17.11 9.23
C GLY B 317 23.95 -16.91 8.65
N LYS B 318 23.18 -18.00 8.61
CA LYS B 318 22.08 -18.12 7.67
C LYS B 318 20.70 -18.14 8.33
N TYR B 319 20.59 -17.76 9.60
CA TYR B 319 19.29 -17.76 10.27
C TYR B 319 18.26 -16.95 9.50
N VAL B 320 18.64 -15.77 9.01
CA VAL B 320 17.69 -14.91 8.29
C VAL B 320 17.33 -15.54 6.95
N ASP B 321 18.31 -16.09 6.24
CA ASP B 321 17.99 -16.82 5.01
C ASP B 321 16.97 -17.91 5.28
N PHE B 322 17.16 -18.65 6.39
CA PHE B 322 16.18 -19.67 6.76
C PHE B 322 14.81 -19.04 7.00
N MET B 323 14.77 -17.96 7.77
CA MET B 323 13.50 -17.45 8.27
C MET B 323 12.67 -16.81 7.16
N VAL B 324 13.30 -16.18 6.19
CA VAL B 324 12.58 -15.39 5.21
C VAL B 324 12.84 -15.84 3.76
N GLY B 325 13.67 -16.86 3.54
CA GLY B 325 13.89 -17.37 2.19
C GLY B 325 12.63 -17.83 1.47
N LEU B 326 11.57 -18.16 2.20
CA LEU B 326 10.31 -18.52 1.58
C LEU B 326 9.57 -17.33 0.97
N LEU B 327 10.07 -16.10 1.15
CA LEU B 327 9.48 -14.96 0.46
C LEU B 327 10.21 -14.70 -0.86
N PRO B 328 9.46 -14.33 -1.90
CA PRO B 328 10.09 -14.07 -3.21
C PRO B 328 11.10 -12.94 -3.19
N GLY B 329 10.89 -11.94 -2.32
CA GLY B 329 11.82 -10.82 -2.25
C GLY B 329 13.21 -11.18 -1.76
N TRP B 330 13.38 -12.33 -1.12
CA TRP B 330 14.71 -12.70 -0.62
C TRP B 330 15.67 -13.05 -1.76
N TRP B 331 15.15 -13.31 -2.95
CA TRP B 331 15.94 -13.81 -4.06
C TRP B 331 16.21 -12.75 -5.13
N LEU B 332 15.72 -11.54 -4.93
CA LEU B 332 16.18 -10.45 -5.77
C LEU B 332 17.46 -9.85 -5.21
N GLY B 333 18.17 -9.11 -6.05
CA GLY B 333 19.44 -8.54 -5.65
C GLY B 333 20.49 -8.67 -6.72
N GLU B 334 20.41 -9.78 -7.47
CA GLU B 334 21.35 -10.03 -8.57
C GLU B 334 21.46 -8.81 -9.50
N ALA B 335 20.32 -8.19 -9.83
CA ALA B 335 20.33 -7.00 -10.68
C ALA B 335 20.70 -5.71 -9.93
N ASP B 336 20.90 -5.77 -8.61
CA ASP B 336 21.39 -4.64 -7.82
C ASP B 336 22.74 -4.96 -7.16
N GLY B 337 23.53 -5.81 -7.81
CA GLY B 337 24.84 -6.13 -7.29
C GLY B 337 24.82 -6.83 -5.96
N ARG B 338 23.74 -7.55 -5.66
CA ARG B 338 23.59 -8.25 -4.39
C ARG B 338 23.21 -9.69 -4.72
N ALA B 339 24.16 -10.40 -5.34
CA ALA B 339 23.85 -11.74 -5.82
C ALA B 339 23.63 -12.70 -4.66
N GLY B 340 24.42 -12.57 -3.60
CA GLY B 340 24.32 -13.43 -2.44
C GLY B 340 23.15 -13.20 -1.52
N GLY B 341 22.26 -12.26 -1.84
CA GLY B 341 21.14 -11.95 -0.97
C GLY B 341 21.01 -10.45 -0.70
N PRO B 342 19.84 -10.03 -0.21
CA PRO B 342 19.57 -8.58 -0.11
C PRO B 342 20.38 -7.84 0.96
N CYS B 343 20.98 -8.53 1.94
CA CYS B 343 21.65 -7.89 3.07
C CYS B 343 23.11 -7.63 2.74
N ILE B 344 23.61 -6.44 3.08
CA ILE B 344 25.00 -6.11 2.74
C ILE B 344 25.72 -5.61 3.99
N PRO B 345 27.05 -5.75 4.04
CA PRO B 345 27.80 -5.31 5.23
C PRO B 345 28.11 -3.82 5.18
N PRO B 346 28.62 -3.25 6.29
CA PRO B 346 28.85 -1.79 6.35
C PRO B 346 29.66 -1.22 5.18
N ALA B 347 30.74 -1.89 4.77
CA ALA B 347 31.57 -1.32 3.71
C ALA B 347 30.81 -1.19 2.41
N GLU B 348 29.87 -2.09 2.12
CA GLU B 348 29.09 -1.92 0.90
C GLU B 348 28.11 -0.75 1.04
N TRP B 349 27.44 -0.65 2.19
CA TRP B 349 26.53 0.48 2.44
C TRP B 349 27.25 1.80 2.20
N ASP B 350 28.49 1.89 2.69
CA ASP B 350 29.30 3.09 2.55
C ASP B 350 29.52 3.44 1.08
N ARG B 351 29.77 2.44 0.24
CA ARG B 351 29.93 2.69 -1.18
C ARG B 351 28.63 3.15 -1.81
N ARG B 352 27.51 2.54 -1.44
CA ARG B 352 26.24 2.98 -2.01
C ARG B 352 25.82 4.34 -1.48
N LEU B 353 26.21 4.69 -0.24
CA LEU B 353 25.88 5.99 0.30
C LEU B 353 26.60 7.10 -0.46
N LYS B 354 27.90 6.91 -0.73
CA LYS B 354 28.65 7.88 -1.53
C LYS B 354 28.03 8.07 -2.90
N GLN B 355 27.47 7.00 -3.49
CA GLN B 355 26.79 7.10 -4.78
C GLN B 355 25.45 7.82 -4.69
N ALA B 356 24.94 8.06 -3.49
CA ALA B 356 23.57 8.54 -3.34
C ALA B 356 23.48 9.92 -2.71
N GLY B 357 24.60 10.62 -2.50
CA GLY B 357 24.57 11.95 -1.94
C GLY B 357 24.87 12.05 -0.45
N PHE B 358 25.37 10.98 0.15
CA PHE B 358 25.84 10.99 1.53
C PHE B 358 27.37 11.03 1.52
N GLU B 359 27.94 11.39 2.67
CA GLU B 359 29.38 11.42 2.85
C GLU B 359 29.92 10.01 3.12
N GLY B 360 29.30 8.98 2.55
CA GLY B 360 29.65 7.66 3.01
C GLY B 360 29.13 7.41 4.43
N LEU B 361 29.73 6.42 5.07
CA LEU B 361 29.40 6.17 6.48
C LEU B 361 30.04 7.25 7.36
N HIS B 362 29.35 7.59 8.43
CA HIS B 362 29.84 8.52 9.44
C HIS B 362 30.31 7.78 10.69
N ALA B 363 29.50 6.84 11.15
CA ALA B 363 29.80 6.08 12.36
C ALA B 363 29.03 4.77 12.28
N VAL B 364 29.63 3.73 12.85
CA VAL B 364 29.06 2.39 12.84
C VAL B 364 29.31 1.75 14.18
N GLY B 365 28.27 1.21 14.79
CA GLY B 365 28.42 0.29 15.90
C GLY B 365 27.80 -1.02 15.50
N LEU B 366 28.28 -2.11 16.08
CA LEU B 366 27.73 -3.42 15.77
C LEU B 366 26.89 -3.93 16.93
N ASP B 367 25.94 -4.82 16.58
CA ASP B 367 25.19 -5.66 17.52
C ASP B 367 26.07 -6.35 18.56
N SER B 368 27.25 -6.79 18.15
CA SER B 368 28.05 -7.76 18.89
C SER B 368 29.52 -7.54 18.58
N GLU B 369 30.37 -8.13 19.41
CA GLU B 369 31.74 -8.34 19.00
C GLU B 369 31.72 -9.15 17.70
N PRO B 370 32.41 -8.69 16.66
CA PRO B 370 32.50 -9.49 15.44
C PRO B 370 33.25 -10.78 15.72
N PRO B 371 33.10 -11.80 14.86
CA PRO B 371 32.34 -11.73 13.61
C PRO B 371 30.85 -12.06 13.77
N PHE B 372 30.41 -12.52 14.94
CA PHE B 372 29.06 -13.04 15.10
C PHE B 372 28.15 -11.95 15.68
N TYR B 373 27.81 -11.00 14.80
CA TYR B 373 26.82 -9.96 15.06
C TYR B 373 25.65 -10.15 14.11
N TYR B 374 24.56 -9.42 14.36
CA TYR B 374 23.41 -9.44 13.48
C TYR B 374 23.19 -8.09 12.79
N ASN B 375 22.95 -7.02 13.54
CA ASN B 375 22.75 -5.70 12.95
C ASN B 375 24.03 -4.85 13.00
N ALA B 376 24.29 -4.12 11.92
CA ALA B 376 25.19 -2.97 11.96
C ALA B 376 24.36 -1.69 12.11
N ASN B 377 24.70 -0.87 13.10
CA ASN B 377 23.99 0.38 13.35
C ASN B 377 24.79 1.49 12.68
N MET B 378 24.31 1.96 11.53
CA MET B 378 25.06 2.90 10.70
C MET B 378 24.47 4.30 10.75
N LEU B 379 25.34 5.29 10.94
CA LEU B 379 24.96 6.69 10.82
C LEU B 379 25.67 7.26 9.60
N ALA B 380 24.93 7.94 8.75
CA ALA B 380 25.49 8.59 7.57
C ALA B 380 24.95 10.00 7.43
N ARG B 381 25.82 10.91 7.03
CA ARG B 381 25.49 12.32 6.87
C ARG B 381 25.28 12.65 5.41
N VAL B 382 24.33 13.55 5.18
CA VAL B 382 24.11 14.09 3.84
C VAL B 382 25.38 14.81 3.37
N ALA B 383 25.77 14.52 2.13
CA ALA B 383 26.84 15.25 1.46
C ALA B 383 26.29 16.55 0.86
#